data_5ZVD
#
_entry.id   5ZVD
#
_cell.length_a   52.195
_cell.length_b   52.605
_cell.length_c   83.968
_cell.angle_alpha   81.780
_cell.angle_beta   81.780
_cell.angle_gamma   67.930
#
_symmetry.space_group_name_H-M   'P 1'
#
loop_
_entity.id
_entity.type
_entity.pdbx_description
1 polymer '389aa long hypothetical nucleolar protein'
2 water water
#
_entity_poly.entity_id   1
_entity_poly.type   'polypeptide(L)'
_entity_poly.pdbx_seq_one_letter_code
;YLEAFPKELREYYKNLFGKEEANKIMKKLREPVEHYYIRVNTLKISREKLIGELKKEGLKPLRSPYLPEGLYFVREGPNF
SDDFEPKLPVVVANKYAAESVYQGAMLYAPGVLKADKNIKEGDEVQIRDPKGLLVGIGIARMDYKEMTEATRGLAVEVTL
PKFKLPSLSELKAFEKGYFYPQGLPSMVTARVLEPKEDDVIIDMAAAPGGKTTHIAQLLENKGEIIAIDKSKNRLRKMEE
NIKRLGVKNVKLVQMDARKLPDLGIKADKILLDAPCTALGVRPKLWEERTLKHIEATARYQRAFIWAAIKSLRRGGVLVY
STCTLSYEENEGNVKFMIRKGMKLEEQSIFIGSPGIGMNKVQRFYPHKHLTQGFFIAKLRKVKD
;
_entity_poly.pdbx_strand_id   B,A
#
# COMPACT_ATOMS: atom_id res chain seq x y z
N TYR A 1 5.85 -44.12 8.18
CA TYR A 1 6.13 -42.69 8.19
C TYR A 1 6.75 -42.26 9.51
N LEU A 2 6.54 -43.07 10.55
CA LEU A 2 6.98 -42.75 11.91
C LEU A 2 8.49 -42.59 12.02
N GLU A 3 9.21 -43.17 11.08
CA GLU A 3 10.67 -43.17 11.12
C GLU A 3 11.26 -41.79 10.85
N ALA A 4 10.44 -40.89 10.32
CA ALA A 4 10.87 -39.52 10.05
C ALA A 4 11.03 -38.73 11.34
N PHE A 5 10.56 -39.29 12.44
CA PHE A 5 10.55 -38.60 13.71
C PHE A 5 11.32 -39.39 14.77
N PRO A 6 12.34 -38.76 15.37
CA PRO A 6 13.11 -39.41 16.43
C PRO A 6 12.22 -39.95 17.53
N LYS A 7 12.67 -41.02 18.19
CA LYS A 7 11.89 -41.72 19.20
C LYS A 7 11.37 -40.82 20.32
N GLU A 8 12.25 -39.99 20.88
CA GLU A 8 11.88 -39.14 22.01
C GLU A 8 10.85 -38.07 21.59
N LEU A 9 10.97 -37.57 20.36
CA LEU A 9 9.99 -36.61 19.85
C LEU A 9 8.62 -37.25 19.65
N ARG A 10 8.63 -38.50 19.18
CA ARG A 10 7.38 -39.24 19.00
C ARG A 10 6.65 -39.41 20.31
N GLU A 11 7.41 -39.72 21.37
CA GLU A 11 6.83 -39.89 22.69
C GLU A 11 6.27 -38.56 23.16
N TYR A 12 7.03 -37.50 22.92
CA TYR A 12 6.61 -36.14 23.24
C TYR A 12 5.27 -35.82 22.60
N TYR A 13 5.13 -36.19 21.33
CA TYR A 13 3.90 -35.95 20.60
C TYR A 13 2.74 -36.81 21.14
N LYS A 14 3.05 -38.05 21.49
CA LYS A 14 2.05 -38.93 22.07
C LYS A 14 1.58 -38.39 23.41
N ASN A 15 2.50 -37.78 24.16
CA ASN A 15 2.19 -37.23 25.47
C ASN A 15 1.44 -35.91 25.41
N LEU A 16 1.59 -35.19 24.30
CA LEU A 16 1.03 -33.84 24.18
C LEU A 16 -0.31 -33.81 23.46
N PHE A 17 -0.52 -34.77 22.57
CA PHE A 17 -1.73 -34.79 21.75
C PHE A 17 -2.55 -36.06 21.92
N GLY A 18 -1.92 -37.11 22.41
CA GLY A 18 -2.56 -38.40 22.47
C GLY A 18 -2.12 -39.24 21.30
N LYS A 19 -1.91 -40.53 21.53
CA LYS A 19 -1.32 -41.41 20.53
C LYS A 19 -1.99 -41.29 19.18
N GLU A 20 -3.32 -41.35 19.17
CA GLU A 20 -4.07 -41.38 17.93
C GLU A 20 -3.92 -40.08 17.13
N GLU A 21 -4.04 -38.95 17.82
CA GLU A 21 -3.87 -37.66 17.16
C GLU A 21 -2.43 -37.48 16.69
N ALA A 22 -1.49 -37.80 17.57
CA ALA A 22 -0.08 -37.67 17.28
C ALA A 22 0.33 -38.48 16.05
N ASN A 23 -0.34 -39.61 15.84
CA ASN A 23 -0.05 -40.46 14.71
C ASN A 23 -0.65 -39.90 13.42
N LYS A 24 -1.73 -39.14 13.56
CA LYS A 24 -2.36 -38.51 12.40
C LYS A 24 -1.57 -37.29 11.98
N ILE A 25 -0.96 -36.63 12.95
CA ILE A 25 -0.21 -35.41 12.69
C ILE A 25 1.10 -35.73 11.99
N MET A 26 1.86 -36.65 12.57
CA MET A 26 3.15 -37.06 12.02
C MET A 26 2.97 -37.62 10.60
N LYS A 27 1.87 -38.35 10.38
CA LYS A 27 1.57 -38.91 9.07
C LYS A 27 1.38 -37.80 8.03
N LYS A 28 0.60 -36.78 8.39
CA LYS A 28 0.32 -35.69 7.48
C LYS A 28 1.54 -34.77 7.35
N LEU A 29 2.32 -34.68 8.43
CA LEU A 29 3.53 -33.85 8.44
C LEU A 29 4.53 -34.26 7.36
N ARG A 30 4.53 -35.53 6.99
CA ARG A 30 5.48 -36.01 5.99
C ARG A 30 5.04 -35.60 4.58
N GLU A 31 3.76 -35.28 4.43
CA GLU A 31 3.21 -34.85 3.15
C GLU A 31 3.19 -33.34 3.05
N PRO A 32 3.26 -32.81 1.81
CA PRO A 32 3.10 -31.38 1.51
C PRO A 32 1.70 -30.88 1.85
N VAL A 33 1.51 -29.57 1.88
CA VAL A 33 0.19 -29.04 2.22
C VAL A 33 -0.80 -29.46 1.15
N GLU A 34 -2.00 -29.84 1.60
CA GLU A 34 -3.05 -30.28 0.70
C GLU A 34 -3.58 -29.08 -0.09
N HIS A 35 -3.72 -27.94 0.58
CA HIS A 35 -4.07 -26.69 -0.08
C HIS A 35 -2.89 -25.72 -0.06
N TYR A 36 -2.35 -25.43 -1.25
CA TYR A 36 -1.21 -24.55 -1.37
C TYR A 36 -1.65 -23.10 -1.58
N TYR A 37 -1.48 -22.26 -0.56
CA TYR A 37 -2.00 -20.89 -0.57
C TYR A 37 -1.05 -19.82 -1.10
N ILE A 38 -1.61 -18.84 -1.81
CA ILE A 38 -0.89 -17.63 -2.18
C ILE A 38 -1.71 -16.42 -1.76
N ARG A 39 -1.05 -15.28 -1.59
CA ARG A 39 -1.76 -14.06 -1.21
C ARG A 39 -1.94 -13.14 -2.39
N VAL A 40 -3.16 -12.66 -2.59
CA VAL A 40 -3.42 -11.72 -3.66
C VAL A 40 -2.88 -10.34 -3.28
N ASN A 41 -1.83 -9.90 -3.99
CA ASN A 41 -1.28 -8.57 -3.73
C ASN A 41 -2.24 -7.48 -4.17
N THR A 42 -3.17 -7.12 -3.29
CA THR A 42 -4.19 -6.14 -3.65
C THR A 42 -3.64 -4.73 -3.88
N LEU A 43 -2.34 -4.53 -3.71
CA LEU A 43 -1.73 -3.25 -4.03
C LEU A 43 -1.66 -3.07 -5.53
N LYS A 44 -1.62 -4.19 -6.25
CA LYS A 44 -1.44 -4.17 -7.70
C LYS A 44 -2.64 -4.74 -8.46
N ILE A 45 -3.37 -5.66 -7.83
CA ILE A 45 -4.42 -6.39 -8.55
C ILE A 45 -5.52 -6.88 -7.62
N SER A 46 -6.74 -7.00 -8.14
CA SER A 46 -7.83 -7.58 -7.36
C SER A 46 -7.74 -9.11 -7.42
N ARG A 47 -8.51 -9.79 -6.58
CA ARG A 47 -8.47 -11.25 -6.52
C ARG A 47 -9.02 -11.90 -7.80
N GLU A 48 -10.09 -11.33 -8.35
CA GLU A 48 -10.73 -11.92 -9.52
C GLU A 48 -9.94 -11.69 -10.79
N LYS A 49 -9.31 -10.52 -10.91
CA LYS A 49 -8.42 -10.25 -12.03
C LYS A 49 -7.25 -11.23 -12.03
N LEU A 50 -6.67 -11.46 -10.86
CA LEU A 50 -5.56 -12.40 -10.72
C LEU A 50 -5.99 -13.81 -11.09
N ILE A 51 -7.19 -14.19 -10.68
CA ILE A 51 -7.73 -15.51 -11.03
C ILE A 51 -7.79 -15.68 -12.55
N GLY A 52 -8.20 -14.62 -13.24
CA GLY A 52 -8.20 -14.62 -14.69
C GLY A 52 -6.82 -14.88 -15.27
N GLU A 53 -5.80 -14.23 -14.70
CA GLU A 53 -4.43 -14.37 -15.17
C GLU A 53 -3.88 -15.77 -14.95
N LEU A 54 -4.26 -16.36 -13.82
CA LEU A 54 -3.77 -17.68 -13.44
C LEU A 54 -4.40 -18.78 -14.29
N LYS A 55 -5.67 -18.58 -14.64
CA LYS A 55 -6.39 -19.55 -15.47
C LYS A 55 -5.83 -19.56 -16.89
N LYS A 56 -5.26 -18.43 -17.30
CA LYS A 56 -4.58 -18.33 -18.60
C LYS A 56 -3.42 -19.30 -18.68
N GLU A 57 -2.76 -19.55 -17.55
CA GLU A 57 -1.61 -20.44 -17.51
C GLU A 57 -2.01 -21.87 -17.20
N GLY A 58 -3.31 -22.16 -17.29
CA GLY A 58 -3.81 -23.50 -17.05
C GLY A 58 -3.87 -23.88 -15.59
N LEU A 59 -3.76 -22.89 -14.71
CA LEU A 59 -3.83 -23.12 -13.28
C LEU A 59 -5.26 -23.08 -12.79
N LYS A 60 -5.55 -23.82 -11.71
CA LYS A 60 -6.89 -23.90 -11.16
C LYS A 60 -6.98 -23.34 -9.76
N PRO A 61 -6.92 -22.00 -9.62
CA PRO A 61 -6.96 -21.39 -8.29
C PRO A 61 -8.37 -21.39 -7.71
N LEU A 62 -8.45 -21.64 -6.41
CA LEU A 62 -9.72 -21.64 -5.71
C LEU A 62 -9.76 -20.51 -4.70
N ARG A 63 -10.95 -19.95 -4.47
CA ARG A 63 -11.10 -18.82 -3.56
C ARG A 63 -11.30 -19.27 -2.13
N SER A 64 -10.76 -18.51 -1.20
CA SER A 64 -11.02 -18.71 0.23
C SER A 64 -12.20 -17.86 0.69
N PRO A 65 -13.21 -18.50 1.31
CA PRO A 65 -14.38 -17.80 1.84
C PRO A 65 -14.04 -16.95 3.06
N TYR A 66 -12.93 -17.27 3.73
CA TYR A 66 -12.51 -16.58 4.94
C TYR A 66 -11.57 -15.39 4.68
N LEU A 67 -10.67 -15.57 3.71
CA LEU A 67 -9.69 -14.54 3.38
C LEU A 67 -9.88 -14.05 1.97
N PRO A 68 -10.46 -12.84 1.82
CA PRO A 68 -10.75 -12.33 0.47
C PRO A 68 -9.48 -12.16 -0.37
N GLU A 69 -8.34 -12.08 0.29
CA GLU A 69 -7.05 -11.97 -0.41
C GLU A 69 -6.40 -13.34 -0.58
N GLY A 70 -7.15 -14.40 -0.29
CA GLY A 70 -6.62 -15.75 -0.37
C GLY A 70 -7.02 -16.59 -1.56
N LEU A 71 -6.03 -17.17 -2.23
CA LEU A 71 -6.26 -18.20 -3.25
C LEU A 71 -5.46 -19.44 -2.90
N TYR A 72 -5.99 -20.62 -3.23
CA TYR A 72 -5.23 -21.85 -3.02
C TYR A 72 -5.34 -22.82 -4.18
N PHE A 73 -4.35 -23.69 -4.30
CA PHE A 73 -4.33 -24.75 -5.30
C PHE A 73 -4.43 -26.10 -4.61
N VAL A 74 -5.13 -27.04 -5.23
CA VAL A 74 -5.27 -28.35 -4.62
C VAL A 74 -4.08 -29.23 -5.00
N ARG A 75 -3.51 -29.90 -3.99
CA ARG A 75 -2.33 -30.75 -4.18
C ARG A 75 -2.67 -32.09 -4.82
N GLU A 76 -1.89 -32.48 -5.83
CA GLU A 76 -2.03 -33.79 -6.46
C GLU A 76 -1.14 -34.83 -5.77
N GLY A 77 -1.68 -36.03 -5.58
CA GLY A 77 -0.93 -37.12 -5.00
C GLY A 77 -1.59 -37.78 -3.80
N PRO A 78 -0.98 -38.86 -3.29
CA PRO A 78 0.27 -39.45 -3.78
C PRO A 78 0.13 -40.19 -5.12
N ASN A 79 1.19 -40.21 -5.90
CA ASN A 79 1.15 -40.82 -7.22
C ASN A 79 1.65 -42.26 -7.22
N PHE A 80 2.20 -42.69 -6.08
CA PHE A 80 2.50 -44.10 -5.88
C PHE A 80 2.45 -44.45 -4.40
N SER A 81 2.29 -45.73 -4.11
CA SER A 81 2.18 -46.21 -2.75
C SER A 81 3.46 -45.94 -1.94
N ASP A 82 3.35 -46.06 -0.63
CA ASP A 82 4.49 -45.82 0.25
C ASP A 82 5.49 -46.98 0.22
N ASP A 83 5.07 -48.11 -0.35
CA ASP A 83 5.89 -49.31 -0.37
C ASP A 83 6.29 -49.69 -1.79
N PHE A 84 5.95 -48.82 -2.73
CA PHE A 84 6.26 -49.03 -4.15
C PHE A 84 7.75 -49.25 -4.38
N GLU A 85 8.10 -50.39 -4.97
CA GLU A 85 9.50 -50.67 -5.31
C GLU A 85 9.68 -50.76 -6.81
N PRO A 86 9.93 -49.60 -7.45
CA PRO A 86 10.12 -49.55 -8.90
C PRO A 86 11.36 -50.31 -9.34
N LYS A 87 11.24 -51.11 -10.39
CA LYS A 87 12.39 -51.81 -10.94
C LYS A 87 13.22 -50.89 -11.83
N LEU A 88 13.87 -49.91 -11.19
CA LEU A 88 14.55 -48.85 -11.92
C LEU A 88 15.94 -48.58 -11.39
N PRO A 89 16.85 -48.10 -12.25
CA PRO A 89 18.13 -47.63 -11.74
C PRO A 89 17.91 -46.41 -10.83
N VAL A 90 18.76 -46.23 -9.82
CA VAL A 90 18.53 -45.21 -8.80
C VAL A 90 19.36 -43.95 -9.01
N VAL A 91 18.70 -42.80 -8.93
CA VAL A 91 19.38 -41.52 -8.77
C VAL A 91 19.19 -41.01 -7.33
N VAL A 92 20.28 -40.77 -6.64
CA VAL A 92 20.20 -40.22 -5.29
C VAL A 92 20.33 -38.70 -5.35
N ALA A 93 19.31 -38.00 -4.88
CA ALA A 93 19.32 -36.54 -4.82
C ALA A 93 19.75 -36.10 -3.43
N ASN A 94 20.40 -34.95 -3.31
CA ASN A 94 20.72 -34.46 -1.97
C ASN A 94 19.46 -34.04 -1.23
N LYS A 95 19.62 -33.69 0.04
CA LYS A 95 18.52 -33.37 0.94
C LYS A 95 17.52 -32.37 0.35
N TYR A 96 18.02 -31.26 -0.16
CA TYR A 96 17.17 -30.16 -0.58
C TYR A 96 16.46 -30.45 -1.91
N ALA A 97 17.21 -30.97 -2.88
CA ALA A 97 16.66 -31.25 -4.20
C ALA A 97 15.62 -32.37 -4.13
N ALA A 98 15.83 -33.33 -3.24
CA ALA A 98 14.89 -34.41 -3.02
C ALA A 98 13.55 -33.88 -2.52
N GLU A 99 13.60 -32.84 -1.67
CA GLU A 99 12.38 -32.27 -1.10
C GLU A 99 11.55 -31.58 -2.18
N SER A 100 12.23 -30.95 -3.12
CA SER A 100 11.54 -30.21 -4.17
C SER A 100 10.96 -31.17 -5.20
N VAL A 101 11.70 -32.24 -5.49
CA VAL A 101 11.25 -33.31 -6.39
C VAL A 101 9.99 -33.96 -5.81
N TYR A 102 10.00 -34.12 -4.49
CA TYR A 102 8.87 -34.64 -3.71
C TYR A 102 7.58 -33.84 -3.95
N GLN A 103 7.74 -32.61 -4.43
CA GLN A 103 6.59 -31.71 -4.62
C GLN A 103 6.38 -31.32 -6.08
N GLY A 104 7.13 -31.96 -6.98
CA GLY A 104 6.91 -31.79 -8.40
C GLY A 104 8.02 -31.15 -9.22
N ALA A 105 9.08 -30.70 -8.55
CA ALA A 105 10.17 -30.03 -9.25
C ALA A 105 10.98 -31.01 -10.07
N MET A 106 11.61 -30.54 -11.14
CA MET A 106 12.52 -31.36 -11.90
C MET A 106 13.80 -31.56 -11.07
N LEU A 107 14.63 -32.51 -11.44
CA LEU A 107 15.89 -32.71 -10.74
C LEU A 107 17.03 -32.20 -11.61
N TYR A 108 17.75 -31.21 -11.09
CA TYR A 108 18.84 -30.59 -11.85
C TYR A 108 20.19 -31.13 -11.38
N ALA A 109 21.22 -30.95 -12.19
CA ALA A 109 22.51 -31.61 -11.97
C ALA A 109 23.14 -31.33 -10.60
N PRO A 110 23.17 -30.06 -10.15
CA PRO A 110 23.77 -29.85 -8.83
C PRO A 110 23.00 -30.51 -7.69
N GLY A 111 21.76 -30.93 -7.95
CA GLY A 111 20.97 -31.64 -6.96
C GLY A 111 21.27 -33.14 -6.92
N VAL A 112 22.18 -33.60 -7.78
CA VAL A 112 22.49 -35.02 -7.87
C VAL A 112 23.69 -35.41 -7.02
N LEU A 113 23.44 -36.22 -6.00
CA LEU A 113 24.47 -36.68 -5.08
C LEU A 113 25.29 -37.82 -5.68
N LYS A 114 24.60 -38.83 -6.21
CA LYS A 114 25.25 -39.95 -6.90
C LYS A 114 24.17 -40.72 -7.65
N ALA A 115 24.57 -41.74 -8.40
CA ALA A 115 23.63 -42.45 -9.25
C ALA A 115 24.14 -43.80 -9.74
N ASP A 116 23.20 -44.60 -10.26
CA ASP A 116 23.50 -45.87 -10.89
C ASP A 116 24.26 -45.61 -12.19
N LYS A 117 25.36 -46.31 -12.40
CA LYS A 117 26.27 -46.01 -13.51
C LYS A 117 25.77 -46.50 -14.88
N ASN A 118 24.63 -47.19 -14.90
CA ASN A 118 24.06 -47.69 -16.14
C ASN A 118 23.08 -46.69 -16.78
N ILE A 119 22.84 -45.58 -16.10
CA ILE A 119 21.90 -44.57 -16.55
C ILE A 119 22.38 -43.79 -17.78
N LYS A 120 21.65 -43.93 -18.88
CA LYS A 120 21.86 -43.12 -20.08
C LYS A 120 20.63 -42.25 -20.32
N GLU A 121 20.77 -41.20 -21.13
CA GLU A 121 19.66 -40.29 -21.40
C GLU A 121 18.46 -41.07 -21.95
N GLY A 122 17.26 -40.73 -21.48
CA GLY A 122 16.06 -41.42 -21.93
C GLY A 122 15.69 -42.63 -21.10
N ASP A 123 16.57 -42.99 -20.17
CA ASP A 123 16.26 -44.09 -19.25
C ASP A 123 15.26 -43.64 -18.21
N GLU A 124 14.37 -44.55 -17.83
CA GLU A 124 13.45 -44.29 -16.73
C GLU A 124 14.18 -44.58 -15.42
N VAL A 125 14.19 -43.60 -14.52
CA VAL A 125 14.92 -43.74 -13.26
C VAL A 125 14.03 -43.41 -12.07
N GLN A 126 14.37 -43.96 -10.92
CA GLN A 126 13.73 -43.59 -9.67
C GLN A 126 14.66 -42.69 -8.88
N ILE A 127 14.10 -41.66 -8.26
CA ILE A 127 14.87 -40.72 -7.46
C ILE A 127 14.66 -40.95 -5.97
N ARG A 128 15.75 -41.08 -5.23
CA ARG A 128 15.67 -41.26 -3.80
C ARG A 128 16.51 -40.23 -3.05
N ASP A 129 16.12 -39.92 -1.82
CA ASP A 129 16.88 -38.97 -1.02
C ASP A 129 18.06 -39.72 -0.38
N PRO A 130 18.96 -39.01 0.32
CA PRO A 130 20.13 -39.76 0.78
C PRO A 130 19.81 -40.88 1.78
N LYS A 131 18.57 -40.97 2.25
CA LYS A 131 18.20 -42.00 3.20
C LYS A 131 17.28 -43.07 2.61
N GLY A 132 17.10 -43.03 1.29
CA GLY A 132 16.35 -44.08 0.61
C GLY A 132 14.89 -43.79 0.37
N LEU A 133 14.43 -42.65 0.85
CA LEU A 133 13.05 -42.24 0.62
C LEU A 133 12.76 -42.07 -0.87
N LEU A 134 11.81 -42.83 -1.38
CA LEU A 134 11.36 -42.67 -2.75
C LEU A 134 10.52 -41.39 -2.87
N VAL A 135 10.99 -40.45 -3.67
CA VAL A 135 10.40 -39.13 -3.73
C VAL A 135 9.86 -38.80 -5.12
N GLY A 136 10.27 -39.59 -6.11
CA GLY A 136 9.85 -39.35 -7.46
C GLY A 136 10.41 -40.30 -8.49
N ILE A 137 9.81 -40.29 -9.67
CA ILE A 137 10.18 -41.15 -10.78
C ILE A 137 10.17 -40.33 -12.07
N GLY A 138 11.14 -40.58 -12.95
CA GLY A 138 11.23 -39.78 -14.15
C GLY A 138 12.12 -40.34 -15.23
N ILE A 139 12.53 -39.46 -16.15
CA ILE A 139 13.35 -39.83 -17.29
C ILE A 139 14.64 -39.03 -17.29
N ALA A 140 15.77 -39.74 -17.31
CA ALA A 140 17.08 -39.11 -17.32
C ALA A 140 17.31 -38.29 -18.58
N ARG A 141 17.75 -37.05 -18.41
CA ARG A 141 18.06 -36.19 -19.54
C ARG A 141 19.57 -36.01 -19.70
N MET A 142 20.30 -36.78 -18.91
CA MET A 142 21.76 -36.80 -18.96
C MET A 142 22.24 -38.23 -18.82
N ASP A 143 23.40 -38.53 -19.42
CA ASP A 143 24.07 -39.80 -19.13
C ASP A 143 24.56 -39.74 -17.68
N TYR A 144 24.95 -40.89 -17.13
CA TYR A 144 25.49 -40.93 -15.77
C TYR A 144 26.63 -39.93 -15.58
N LYS A 145 27.57 -39.96 -16.51
CA LYS A 145 28.76 -39.12 -16.45
C LYS A 145 28.42 -37.64 -16.33
N GLU A 146 27.64 -37.13 -17.27
CA GLU A 146 27.27 -35.72 -17.27
C GLU A 146 26.43 -35.38 -16.04
N MET A 147 25.68 -36.37 -15.57
CA MET A 147 24.80 -36.18 -14.41
C MET A 147 25.59 -35.90 -13.12
N THR A 148 26.73 -36.57 -12.98
CA THR A 148 27.56 -36.41 -11.79
C THR A 148 28.71 -35.43 -12.00
N GLU A 149 28.68 -34.68 -13.11
CA GLU A 149 29.77 -33.75 -13.40
C GLU A 149 29.29 -32.34 -13.74
N ALA A 150 28.14 -32.23 -14.39
CA ALA A 150 27.60 -30.93 -14.77
C ALA A 150 27.43 -30.02 -13.56
N THR A 151 27.42 -28.71 -13.81
CA THR A 151 27.22 -27.74 -12.76
C THR A 151 25.82 -27.14 -12.88
N ARG A 152 25.20 -27.37 -14.04
CA ARG A 152 23.87 -26.86 -14.33
C ARG A 152 23.16 -27.82 -15.27
N GLY A 153 21.86 -27.62 -15.48
CA GLY A 153 21.13 -28.37 -16.48
C GLY A 153 20.18 -29.42 -15.93
N LEU A 154 19.19 -29.77 -16.74
CA LEU A 154 18.19 -30.77 -16.37
C LEU A 154 18.80 -32.16 -16.31
N ALA A 155 18.76 -32.78 -15.12
CA ALA A 155 19.33 -34.10 -14.92
C ALA A 155 18.27 -35.18 -15.06
N VAL A 156 17.17 -35.03 -14.34
CA VAL A 156 16.05 -35.96 -14.50
C VAL A 156 14.74 -35.21 -14.64
N GLU A 157 14.11 -35.39 -15.80
CA GLU A 157 12.75 -34.87 -16.00
C GLU A 157 11.79 -35.67 -15.14
N VAL A 158 11.33 -35.06 -14.06
CA VAL A 158 10.46 -35.76 -13.13
C VAL A 158 9.04 -35.79 -13.68
N THR A 159 8.60 -36.97 -14.12
CA THR A 159 7.29 -37.12 -14.74
C THR A 159 6.29 -37.74 -13.77
N LEU A 160 6.80 -38.37 -12.72
CA LEU A 160 5.93 -38.92 -11.67
C LEU A 160 6.47 -38.60 -10.28
N PRO A 161 6.26 -37.35 -9.83
CA PRO A 161 6.64 -37.03 -8.46
C PRO A 161 5.68 -37.69 -7.49
N LYS A 162 6.11 -37.87 -6.24
CA LYS A 162 5.23 -38.42 -5.22
C LYS A 162 4.03 -37.49 -5.02
N PHE A 163 4.30 -36.19 -5.00
CA PHE A 163 3.26 -35.16 -4.89
C PHE A 163 3.50 -34.02 -5.89
N LYS A 164 2.42 -33.33 -6.25
CA LYS A 164 2.51 -32.23 -7.20
C LYS A 164 1.91 -30.94 -6.67
N LEU A 165 2.75 -29.91 -6.53
CA LEU A 165 2.30 -28.57 -6.25
C LEU A 165 2.66 -27.69 -7.43
N PRO A 166 1.84 -26.68 -7.72
CA PRO A 166 2.17 -25.81 -8.84
C PRO A 166 3.40 -24.98 -8.55
N SER A 167 4.30 -24.85 -9.53
CA SER A 167 5.44 -23.94 -9.43
C SER A 167 4.99 -22.56 -9.91
N LEU A 168 5.18 -21.55 -9.06
CA LEU A 168 4.61 -20.24 -9.34
C LEU A 168 5.68 -19.18 -9.49
N SER A 169 6.92 -19.54 -9.20
CA SER A 169 8.02 -18.59 -9.23
C SER A 169 8.32 -18.13 -10.66
N GLU A 170 7.97 -18.97 -11.64
CA GLU A 170 8.34 -18.71 -13.02
C GLU A 170 7.26 -18.00 -13.82
N LEU A 171 6.16 -17.64 -13.17
CA LEU A 171 5.03 -17.03 -13.86
C LEU A 171 5.21 -15.52 -14.03
N LYS A 172 4.65 -14.96 -15.11
CA LYS A 172 4.64 -13.51 -15.31
C LYS A 172 3.93 -12.84 -14.14
N ALA A 173 2.84 -13.47 -13.71
CA ALA A 173 2.01 -12.93 -12.65
C ALA A 173 2.81 -12.73 -11.37
N PHE A 174 3.80 -13.60 -11.14
CA PHE A 174 4.67 -13.48 -9.98
C PHE A 174 5.68 -12.36 -10.19
N GLU A 175 6.28 -12.31 -11.37
CA GLU A 175 7.32 -11.33 -11.67
C GLU A 175 6.75 -9.93 -11.68
N LYS A 176 5.44 -9.84 -11.89
CA LYS A 176 4.75 -8.55 -11.89
C LYS A 176 4.27 -8.20 -10.49
N GLY A 177 4.51 -9.09 -9.54
CA GLY A 177 4.18 -8.87 -8.15
C GLY A 177 2.69 -8.93 -7.86
N TYR A 178 1.98 -9.78 -8.60
CA TYR A 178 0.53 -9.92 -8.41
C TYR A 178 0.19 -10.76 -7.18
N PHE A 179 1.12 -11.62 -6.77
CA PHE A 179 0.88 -12.43 -5.59
C PHE A 179 2.17 -12.75 -4.83
N TYR A 180 2.00 -13.36 -3.66
CA TYR A 180 3.12 -13.81 -2.86
C TYR A 180 2.72 -15.11 -2.17
N PRO A 181 3.44 -16.20 -2.46
CA PRO A 181 3.15 -17.49 -1.82
C PRO A 181 3.22 -17.37 -0.30
N GLN A 182 2.13 -17.70 0.37
CA GLN A 182 2.04 -17.57 1.81
C GLN A 182 0.94 -18.46 2.37
N GLY A 183 1.22 -19.15 3.47
CA GLY A 183 0.26 -20.08 4.04
C GLY A 183 -0.96 -19.43 4.66
N LEU A 184 -2.05 -20.19 4.72
CA LEU A 184 -3.30 -19.72 5.32
C LEU A 184 -3.11 -19.27 6.78
N PRO A 185 -2.50 -20.12 7.64
CA PRO A 185 -2.25 -19.62 9.00
C PRO A 185 -1.37 -18.37 9.09
N SER A 186 -0.43 -18.19 8.16
CA SER A 186 0.41 -16.99 8.12
C SER A 186 -0.41 -15.76 7.79
N MET A 187 -1.32 -15.91 6.84
CA MET A 187 -2.22 -14.82 6.45
C MET A 187 -3.17 -14.46 7.58
N VAL A 188 -3.65 -15.47 8.30
CA VAL A 188 -4.53 -15.25 9.44
C VAL A 188 -3.83 -14.40 10.49
N THR A 189 -2.56 -14.70 10.70
CA THR A 189 -1.72 -13.98 11.66
C THR A 189 -1.72 -12.48 11.38
N ALA A 190 -1.58 -12.10 10.12
CA ALA A 190 -1.53 -10.69 9.74
C ALA A 190 -2.88 -9.98 9.88
N ARG A 191 -3.95 -10.70 9.58
CA ARG A 191 -5.30 -10.15 9.74
C ARG A 191 -5.60 -9.91 11.21
N VAL A 192 -5.30 -10.93 12.03
CA VAL A 192 -5.60 -10.91 13.44
C VAL A 192 -4.86 -9.77 14.15
N LEU A 193 -3.72 -9.37 13.61
CA LEU A 193 -3.00 -8.21 14.13
C LEU A 193 -3.80 -6.91 13.93
N GLU A 194 -4.63 -6.88 12.89
CA GLU A 194 -5.49 -5.73 12.57
C GLU A 194 -4.77 -4.39 12.51
N PRO A 195 -3.82 -4.25 11.56
CA PRO A 195 -3.04 -3.00 11.48
C PRO A 195 -3.87 -1.80 11.03
N LYS A 196 -3.61 -0.65 11.66
CA LYS A 196 -4.23 0.61 11.24
C LYS A 196 -3.16 1.57 10.74
N GLU A 197 -3.58 2.55 9.96
CA GLU A 197 -2.65 3.50 9.35
C GLU A 197 -1.92 4.34 10.39
N ASP A 198 -2.58 4.57 11.51
CA ASP A 198 -2.01 5.37 12.60
C ASP A 198 -1.05 4.56 13.48
N ASP A 199 -1.24 3.24 13.49
CA ASP A 199 -0.46 2.37 14.36
C ASP A 199 1.04 2.43 14.07
N VAL A 200 1.84 2.55 15.12
CA VAL A 200 3.28 2.31 15.01
C VAL A 200 3.49 0.80 15.02
N ILE A 201 4.01 0.28 13.91
CA ILE A 201 4.02 -1.16 13.68
C ILE A 201 5.42 -1.74 13.48
N ILE A 202 5.75 -2.74 14.29
CA ILE A 202 7.05 -3.37 14.21
C ILE A 202 6.95 -4.87 13.96
N ASP A 203 7.58 -5.32 12.88
CA ASP A 203 7.73 -6.74 12.59
C ASP A 203 9.16 -7.15 12.92
N MET A 204 9.38 -7.65 14.12
CA MET A 204 10.74 -7.82 14.61
C MET A 204 11.45 -9.07 14.06
N ALA A 205 10.74 -9.92 13.33
CA ALA A 205 11.35 -11.05 12.64
C ALA A 205 10.79 -11.12 11.23
N ALA A 206 11.06 -10.08 10.45
CA ALA A 206 10.32 -9.81 9.23
C ALA A 206 10.70 -10.65 7.99
N ALA A 207 11.98 -10.90 7.79
CA ALA A 207 12.45 -11.60 6.58
C ALA A 207 11.87 -13.00 6.50
N PRO A 208 11.51 -13.44 5.28
CA PRO A 208 11.67 -12.78 3.98
C PRO A 208 10.57 -11.80 3.57
N GLY A 209 9.71 -11.40 4.50
CA GLY A 209 8.77 -10.31 4.26
C GLY A 209 7.37 -10.73 3.90
N GLY A 210 7.05 -11.99 4.14
CA GLY A 210 5.73 -12.53 3.86
C GLY A 210 4.62 -11.79 4.58
N LYS A 211 4.73 -11.70 5.90
CA LYS A 211 3.69 -11.03 6.70
C LYS A 211 3.84 -9.52 6.61
N THR A 212 5.08 -9.05 6.44
CA THR A 212 5.34 -7.62 6.36
C THR A 212 4.60 -6.99 5.20
N THR A 213 4.79 -7.54 4.00
CA THR A 213 4.12 -7.05 2.80
C THR A 213 2.61 -7.30 2.86
N HIS A 214 2.20 -8.30 3.64
CA HIS A 214 0.79 -8.54 3.87
C HIS A 214 0.18 -7.35 4.63
N ILE A 215 0.83 -6.97 5.73
CA ILE A 215 0.42 -5.80 6.51
C ILE A 215 0.40 -4.56 5.63
N ALA A 216 1.41 -4.45 4.76
CA ALA A 216 1.53 -3.34 3.82
C ALA A 216 0.26 -3.17 3.02
N GLN A 217 -0.18 -4.24 2.36
CA GLN A 217 -1.34 -4.15 1.46
C GLN A 217 -2.63 -3.96 2.24
N LEU A 218 -2.63 -4.37 3.51
CA LEU A 218 -3.74 -4.14 4.41
C LEU A 218 -3.84 -2.67 4.79
N LEU A 219 -2.69 -2.03 4.92
CA LEU A 219 -2.64 -0.60 5.20
C LEU A 219 -2.83 0.19 3.92
N GLU A 220 -2.82 -0.53 2.80
CA GLU A 220 -2.93 0.07 1.47
C GLU A 220 -1.77 1.03 1.21
N ASN A 221 -0.56 0.56 1.52
CA ASN A 221 0.68 1.33 1.35
C ASN A 221 0.66 2.65 2.10
N LYS A 222 -0.11 2.70 3.18
CA LYS A 222 -0.15 3.88 4.04
C LYS A 222 0.56 3.62 5.36
N GLY A 223 0.96 4.69 6.04
CA GLY A 223 1.63 4.59 7.32
C GLY A 223 3.07 4.14 7.17
N GLU A 224 3.56 3.42 8.18
CA GLU A 224 4.92 2.92 8.17
C GLU A 224 5.02 1.59 8.91
N ILE A 225 5.70 0.64 8.29
CA ILE A 225 6.03 -0.62 8.93
C ILE A 225 7.52 -0.74 9.15
N ILE A 226 7.95 -0.83 10.40
CA ILE A 226 9.34 -1.09 10.69
C ILE A 226 9.57 -2.58 10.62
N ALA A 227 10.51 -3.00 9.80
CA ALA A 227 10.81 -4.42 9.65
C ALA A 227 12.26 -4.72 10.04
N ILE A 228 12.42 -5.67 10.95
CA ILE A 228 13.71 -6.00 11.54
C ILE A 228 14.14 -7.42 11.15
N ASP A 229 15.42 -7.59 10.85
CA ASP A 229 15.98 -8.94 10.86
C ASP A 229 17.49 -8.93 11.10
N LYS A 230 18.01 -10.10 11.48
CA LYS A 230 19.39 -10.24 11.92
C LYS A 230 20.40 -9.87 10.83
N SER A 231 20.31 -10.54 9.68
CA SER A 231 21.27 -10.31 8.59
C SER A 231 20.72 -9.42 7.47
N LYS A 232 21.59 -8.62 6.87
CA LYS A 232 21.19 -7.73 5.79
C LYS A 232 20.93 -8.51 4.51
N ASN A 233 21.62 -9.65 4.37
CA ASN A 233 21.43 -10.52 3.22
C ASN A 233 20.00 -11.01 3.13
N ARG A 234 19.43 -11.40 4.28
CA ARG A 234 18.03 -11.76 4.35
C ARG A 234 17.16 -10.55 3.99
N LEU A 235 17.63 -9.36 4.33
CA LEU A 235 16.94 -8.10 4.01
C LEU A 235 17.11 -7.73 2.55
N ARG A 236 18.21 -8.16 1.98
CA ARG A 236 18.49 -7.90 0.58
C ARG A 236 17.41 -8.57 -0.25
N LYS A 237 17.17 -9.85 0.02
CA LYS A 237 16.09 -10.59 -0.64
C LYS A 237 14.75 -9.91 -0.41
N MET A 238 14.58 -9.39 0.80
CA MET A 238 13.33 -8.76 1.20
C MET A 238 13.09 -7.46 0.45
N GLU A 239 14.16 -6.71 0.23
CA GLU A 239 14.10 -5.50 -0.59
C GLU A 239 13.62 -5.84 -2.01
N GLU A 240 14.15 -6.93 -2.55
CA GLU A 240 13.71 -7.43 -3.86
C GLU A 240 12.21 -7.73 -3.84
N ASN A 241 11.76 -8.47 -2.83
CA ASN A 241 10.35 -8.81 -2.64
C ASN A 241 9.48 -7.57 -2.52
N ILE A 242 9.92 -6.61 -1.71
CA ILE A 242 9.21 -5.36 -1.51
C ILE A 242 9.07 -4.60 -2.83
N LYS A 243 10.17 -4.50 -3.57
CA LYS A 243 10.19 -3.85 -4.86
C LYS A 243 9.18 -4.47 -5.81
N ARG A 244 9.30 -5.77 -6.01
CA ARG A 244 8.43 -6.54 -6.90
C ARG A 244 6.95 -6.38 -6.56
N LEU A 245 6.63 -6.38 -5.28
CA LEU A 245 5.24 -6.28 -4.84
C LEU A 245 4.74 -4.84 -4.87
N GLY A 246 5.62 -3.92 -5.23
CA GLY A 246 5.29 -2.50 -5.23
C GLY A 246 4.90 -2.01 -3.85
N VAL A 247 5.59 -2.51 -2.83
CA VAL A 247 5.38 -2.06 -1.46
C VAL A 247 6.22 -0.81 -1.17
N LYS A 248 5.56 0.22 -0.64
CA LYS A 248 6.24 1.49 -0.35
C LYS A 248 6.01 1.87 1.09
N ASN A 249 5.81 0.85 1.92
CA ASN A 249 5.29 1.03 3.26
C ASN A 249 6.32 0.72 4.34
N VAL A 250 7.42 0.11 3.94
CA VAL A 250 8.31 -0.53 4.90
C VAL A 250 9.65 0.17 5.07
N LYS A 251 10.07 0.31 6.32
CA LYS A 251 11.40 0.77 6.67
C LYS A 251 12.22 -0.40 7.23
N LEU A 252 13.28 -0.77 6.53
CA LEU A 252 14.15 -1.86 6.96
C LEU A 252 15.21 -1.41 7.95
N VAL A 253 15.40 -2.21 9.00
CA VAL A 253 16.48 -2.00 9.96
C VAL A 253 17.13 -3.34 10.30
N GLN A 254 18.46 -3.36 10.29
CA GLN A 254 19.22 -4.56 10.64
C GLN A 254 19.71 -4.48 12.09
N MET A 255 19.33 -5.46 12.91
CA MET A 255 19.73 -5.48 14.32
C MET A 255 19.31 -6.77 15.00
N ASP A 256 19.91 -7.03 16.17
CA ASP A 256 19.41 -8.09 17.05
C ASP A 256 18.15 -7.58 17.74
N ALA A 257 17.01 -8.10 17.33
CA ALA A 257 15.71 -7.62 17.80
C ALA A 257 15.52 -7.82 19.31
N ARG A 258 16.37 -8.63 19.92
CA ARG A 258 16.33 -8.83 21.37
C ARG A 258 16.75 -7.57 22.11
N LYS A 259 17.40 -6.66 21.38
CA LYS A 259 17.77 -5.36 21.94
C LYS A 259 16.83 -4.28 21.42
N LEU A 260 15.61 -4.68 21.08
CA LEU A 260 14.65 -3.77 20.45
C LEU A 260 14.39 -2.46 21.22
N PRO A 261 14.24 -2.51 22.55
CA PRO A 261 13.97 -1.22 23.21
C PRO A 261 15.12 -0.22 23.11
N ASP A 262 16.24 -0.59 22.50
CA ASP A 262 17.35 0.33 22.31
C ASP A 262 16.91 1.47 21.39
N LEU A 263 15.94 1.18 20.55
CA LEU A 263 15.24 2.20 19.79
C LEU A 263 14.38 3.02 20.74
N GLY A 264 14.13 4.29 20.40
CA GLY A 264 13.33 5.15 21.25
C GLY A 264 11.85 5.02 20.97
N ILE A 265 11.44 3.82 20.59
CA ILE A 265 10.10 3.61 20.05
C ILE A 265 9.20 2.75 20.94
N LYS A 266 8.04 3.29 21.29
CA LYS A 266 6.99 2.50 21.91
C LYS A 266 5.93 2.20 20.87
N ALA A 267 5.83 0.93 20.45
CA ALA A 267 4.93 0.55 19.37
C ALA A 267 3.49 0.30 19.84
N ASP A 268 2.56 0.38 18.89
CA ASP A 268 1.15 0.07 19.15
C ASP A 268 0.85 -1.38 18.76
N LYS A 269 1.38 -1.77 17.62
CA LYS A 269 1.21 -3.14 17.13
C LYS A 269 2.59 -3.76 16.88
N ILE A 270 2.81 -4.94 17.44
CA ILE A 270 4.06 -5.67 17.20
C ILE A 270 3.79 -7.12 16.79
N LEU A 271 4.35 -7.51 15.64
CA LEU A 271 4.23 -8.90 15.20
C LEU A 271 5.54 -9.65 15.44
N LEU A 272 5.48 -10.67 16.30
CA LEU A 272 6.63 -11.52 16.55
C LEU A 272 6.42 -12.92 15.97
N ASP A 273 6.85 -13.09 14.73
CA ASP A 273 6.93 -14.41 14.10
C ASP A 273 8.23 -15.06 14.55
N ALA A 274 8.22 -15.57 15.78
CA ALA A 274 9.44 -15.96 16.48
C ALA A 274 10.14 -17.14 15.84
N PRO A 275 11.48 -17.05 15.72
CA PRO A 275 12.32 -18.18 15.34
C PRO A 275 11.98 -19.38 16.21
N CYS A 276 11.69 -20.52 15.59
CA CYS A 276 11.21 -21.67 16.33
C CYS A 276 11.81 -22.96 15.80
N THR A 277 11.51 -24.07 16.48
CA THR A 277 11.99 -25.38 16.06
C THR A 277 11.39 -25.87 14.74
N ALA A 278 10.41 -25.13 14.21
CA ALA A 278 9.81 -25.42 12.91
C ALA A 278 9.29 -26.86 12.82
N LEU A 279 8.76 -27.38 13.93
CA LEU A 279 8.30 -28.76 13.97
C LEU A 279 7.08 -29.00 13.09
N GLY A 280 6.44 -27.91 12.66
CA GLY A 280 5.20 -28.00 11.91
C GLY A 280 5.32 -27.82 10.41
N VAL A 281 6.52 -27.53 9.92
CA VAL A 281 6.68 -27.23 8.50
C VAL A 281 6.49 -28.47 7.63
N ARG A 282 5.94 -28.27 6.44
CA ARG A 282 5.66 -29.37 5.51
C ARG A 282 6.28 -29.07 4.14
N PRO A 283 6.74 -30.14 3.43
CA PRO A 283 6.74 -31.52 3.92
C PRO A 283 7.92 -31.80 4.85
N LYS A 284 7.73 -32.76 5.76
CA LYS A 284 8.76 -33.11 6.72
C LYS A 284 9.31 -34.51 6.42
N LEU A 285 10.34 -34.55 5.58
CA LEU A 285 10.91 -35.83 5.12
C LEU A 285 11.61 -36.55 6.28
N TRP A 286 12.45 -35.83 7.00
CA TRP A 286 13.08 -36.33 8.21
C TRP A 286 13.17 -35.19 9.21
N GLU A 287 12.66 -35.41 10.42
CA GLU A 287 12.77 -34.40 11.47
C GLU A 287 14.13 -34.51 12.16
N GLU A 288 14.92 -33.45 12.05
CA GLU A 288 16.24 -33.42 12.65
C GLU A 288 16.21 -32.90 14.09
N ARG A 289 15.38 -31.89 14.33
CA ARG A 289 15.32 -31.25 15.64
C ARG A 289 14.59 -32.11 16.66
N THR A 290 14.94 -31.92 17.93
CA THR A 290 14.39 -32.74 19.00
C THR A 290 14.33 -32.01 20.35
N LEU A 291 13.93 -32.74 21.38
CA LEU A 291 13.59 -32.19 22.70
C LEU A 291 14.56 -31.13 23.24
N LYS A 292 15.86 -31.38 23.10
CA LYS A 292 16.87 -30.43 23.55
C LYS A 292 16.75 -29.09 22.82
N HIS A 293 16.34 -29.14 21.55
CA HIS A 293 16.18 -27.93 20.75
C HIS A 293 14.93 -27.16 21.14
N ILE A 294 13.88 -27.88 21.50
CA ILE A 294 12.64 -27.25 21.95
C ILE A 294 12.90 -26.36 23.15
N GLU A 295 13.52 -26.93 24.18
CA GLU A 295 13.82 -26.21 25.41
C GLU A 295 14.70 -24.99 25.16
N ALA A 296 15.79 -25.21 24.43
CA ALA A 296 16.75 -24.15 24.11
C ALA A 296 16.12 -23.02 23.31
N THR A 297 15.36 -23.39 22.28
CA THR A 297 14.70 -22.40 21.44
C THR A 297 13.61 -21.67 22.20
N ALA A 298 12.86 -22.40 23.02
CA ALA A 298 11.81 -21.80 23.84
C ALA A 298 12.40 -20.73 24.76
N ARG A 299 13.61 -21.00 25.25
CA ARG A 299 14.30 -20.04 26.11
C ARG A 299 14.81 -18.88 25.28
N TYR A 300 15.25 -19.20 24.07
CA TYR A 300 15.76 -18.20 23.12
C TYR A 300 14.67 -17.20 22.71
N GLN A 301 13.45 -17.69 22.61
CA GLN A 301 12.33 -16.85 22.20
C GLN A 301 11.96 -15.83 23.27
N ARG A 302 12.14 -16.20 24.53
CA ARG A 302 11.72 -15.37 25.66
C ARG A 302 12.40 -14.00 25.65
N ALA A 303 13.59 -13.92 25.07
CA ALA A 303 14.30 -12.66 24.97
C ALA A 303 13.65 -11.76 23.92
N PHE A 304 13.08 -12.36 22.89
CA PHE A 304 12.33 -11.60 21.89
C PHE A 304 11.02 -11.11 22.50
N ILE A 305 10.33 -12.04 23.14
CA ILE A 305 9.07 -11.75 23.81
C ILE A 305 9.23 -10.62 24.81
N TRP A 306 10.23 -10.72 25.68
CA TRP A 306 10.43 -9.71 26.72
C TRP A 306 10.80 -8.36 26.11
N ALA A 307 11.61 -8.39 25.07
CA ALA A 307 11.96 -7.18 24.32
C ALA A 307 10.70 -6.52 23.76
N ALA A 308 9.83 -7.34 23.17
CA ALA A 308 8.58 -6.88 22.59
C ALA A 308 7.73 -6.16 23.62
N ILE A 309 7.55 -6.79 24.78
CA ILE A 309 6.66 -6.28 25.82
C ILE A 309 7.13 -4.94 26.38
N LYS A 310 8.44 -4.76 26.47
CA LYS A 310 9.01 -3.50 26.93
C LYS A 310 8.94 -2.41 25.86
N SER A 311 8.78 -2.82 24.61
CA SER A 311 8.69 -1.86 23.51
C SER A 311 7.24 -1.54 23.15
N LEU A 312 6.30 -2.13 23.89
CA LEU A 312 4.89 -1.89 23.65
C LEU A 312 4.32 -0.79 24.54
N ARG A 313 3.52 0.07 23.93
CA ARG A 313 2.74 1.04 24.69
C ARG A 313 1.72 0.30 25.53
N ARG A 314 1.29 0.96 26.59
CA ARG A 314 0.17 0.52 27.41
C ARG A 314 -1.02 0.35 26.46
N GLY A 315 -1.71 -0.80 26.49
CA GLY A 315 -2.85 -1.06 25.61
C GLY A 315 -2.43 -1.46 24.20
N GLY A 316 -1.13 -1.67 24.04
CA GLY A 316 -0.57 -2.13 22.78
C GLY A 316 -0.90 -3.58 22.55
N VAL A 317 -0.72 -4.01 21.31
CA VAL A 317 -1.03 -5.37 20.93
C VAL A 317 0.18 -6.10 20.36
N LEU A 318 0.41 -7.32 20.85
CA LEU A 318 1.43 -8.21 20.32
C LEU A 318 0.79 -9.44 19.71
N VAL A 319 1.18 -9.74 18.47
CA VAL A 319 0.80 -11.04 17.89
C VAL A 319 2.02 -11.94 17.84
N TYR A 320 1.95 -13.03 18.59
CA TYR A 320 3.02 -14.02 18.65
C TYR A 320 2.67 -15.23 17.82
N SER A 321 3.56 -15.62 16.91
CA SER A 321 3.29 -16.79 16.08
C SER A 321 4.51 -17.69 15.90
N THR A 322 4.28 -18.99 15.72
CA THR A 322 5.34 -19.92 15.35
C THR A 322 4.83 -20.95 14.33
N CYS A 323 5.76 -21.63 13.66
CA CYS A 323 5.39 -22.74 12.79
C CYS A 323 5.83 -24.04 13.45
N THR A 324 5.62 -24.12 14.76
CA THR A 324 6.02 -25.31 15.51
C THR A 324 4.85 -25.81 16.37
N LEU A 325 4.96 -27.06 16.83
CA LEU A 325 3.88 -27.74 17.53
C LEU A 325 4.11 -27.91 19.03
N SER A 326 5.31 -27.60 19.49
CA SER A 326 5.69 -27.87 20.87
C SER A 326 4.90 -27.01 21.85
N TYR A 327 4.77 -27.50 23.08
CA TYR A 327 4.05 -26.74 24.11
C TYR A 327 4.91 -25.59 24.62
N GLU A 328 6.17 -25.88 24.93
CA GLU A 328 7.08 -24.89 25.51
C GLU A 328 7.21 -23.61 24.69
N GLU A 329 7.29 -23.74 23.37
CA GLU A 329 7.47 -22.59 22.48
C GLU A 329 6.18 -21.82 22.23
N ASN A 330 5.05 -22.43 22.59
CA ASN A 330 3.75 -21.85 22.30
C ASN A 330 2.97 -21.49 23.56
N GLU A 331 2.10 -22.39 24.02
CA GLU A 331 1.32 -22.14 25.23
C GLU A 331 2.20 -21.80 26.44
N GLY A 332 3.37 -22.42 26.50
CA GLY A 332 4.29 -22.21 27.61
C GLY A 332 4.86 -20.80 27.64
N ASN A 333 5.28 -20.31 26.48
CA ASN A 333 5.82 -18.96 26.39
C ASN A 333 4.74 -17.88 26.40
N VAL A 334 3.47 -18.25 26.25
CA VAL A 334 2.41 -17.28 26.44
C VAL A 334 2.13 -17.07 27.92
N LYS A 335 2.23 -18.15 28.69
CA LYS A 335 2.10 -18.08 30.14
C LYS A 335 3.18 -17.16 30.71
N PHE A 336 4.34 -17.18 30.05
CA PHE A 336 5.41 -16.25 30.40
C PHE A 336 4.97 -14.81 30.18
N MET A 337 4.25 -14.58 29.09
CA MET A 337 3.75 -13.25 28.75
C MET A 337 2.69 -12.77 29.74
N ILE A 338 1.82 -13.69 30.16
CA ILE A 338 0.73 -13.38 31.07
C ILE A 338 1.26 -12.98 32.45
N ARG A 339 2.42 -13.51 32.81
CA ARG A 339 3.07 -13.13 34.05
C ARG A 339 3.74 -11.78 33.92
N LYS A 340 3.86 -11.27 32.70
CA LYS A 340 4.55 -10.01 32.47
C LYS A 340 3.64 -8.89 31.98
N GLY A 341 2.39 -8.91 32.41
CA GLY A 341 1.46 -7.82 32.14
C GLY A 341 0.80 -7.84 30.78
N MET A 342 0.69 -9.04 30.19
CA MET A 342 0.00 -9.20 28.92
C MET A 342 -1.30 -9.97 29.10
N LYS A 343 -2.35 -9.56 28.39
CA LYS A 343 -3.66 -10.20 28.49
C LYS A 343 -4.08 -10.83 27.16
N LEU A 344 -4.65 -12.03 27.24
CA LEU A 344 -5.16 -12.72 26.06
C LEU A 344 -6.42 -12.07 25.50
N GLU A 345 -6.40 -11.72 24.22
CA GLU A 345 -7.59 -11.20 23.55
C GLU A 345 -8.11 -12.17 22.49
N GLU A 346 -9.41 -12.09 22.23
CA GLU A 346 -10.04 -12.84 21.16
C GLU A 346 -9.47 -12.39 19.82
N GLN A 347 -9.27 -13.34 18.91
CA GLN A 347 -8.73 -13.03 17.59
C GLN A 347 -9.83 -12.84 16.56
N SER A 348 -9.67 -11.86 15.68
CA SER A 348 -10.70 -11.50 14.70
C SER A 348 -11.11 -12.66 13.80
N ILE A 349 -10.16 -13.55 13.52
CA ILE A 349 -10.42 -14.73 12.68
C ILE A 349 -9.98 -16.01 13.39
N PHE A 350 -10.93 -16.89 13.69
CA PHE A 350 -10.61 -18.15 14.34
C PHE A 350 -11.20 -19.33 13.56
N ILE A 351 -10.36 -20.00 12.78
CA ILE A 351 -10.79 -21.13 11.98
C ILE A 351 -9.94 -22.37 12.26
N GLY A 352 -9.04 -22.25 13.22
CA GLY A 352 -8.16 -23.34 13.58
C GLY A 352 -8.69 -24.12 14.77
N SER A 353 -7.77 -24.54 15.64
CA SER A 353 -8.14 -25.27 16.85
C SER A 353 -7.86 -24.43 18.09
N PRO A 354 -8.46 -24.81 19.22
CA PRO A 354 -8.06 -24.16 20.46
C PRO A 354 -6.69 -24.63 20.92
N GLY A 355 -6.07 -23.90 21.83
CA GLY A 355 -4.76 -24.27 22.31
C GLY A 355 -4.77 -25.44 23.27
N ILE A 356 -3.60 -25.78 23.80
CA ILE A 356 -3.50 -26.86 24.78
C ILE A 356 -3.79 -26.34 26.18
N GLY A 357 -4.99 -26.60 26.68
CA GLY A 357 -5.40 -26.13 27.99
C GLY A 357 -5.39 -24.61 28.03
N MET A 358 -5.85 -24.02 26.93
CA MET A 358 -5.70 -22.58 26.73
C MET A 358 -6.68 -22.05 25.69
N ASN A 359 -7.43 -21.03 26.06
CA ASN A 359 -8.69 -20.73 25.37
C ASN A 359 -8.64 -19.82 24.15
N LYS A 360 -7.89 -18.72 24.21
CA LYS A 360 -8.04 -17.71 23.17
C LYS A 360 -6.95 -17.77 22.10
N VAL A 361 -5.95 -18.61 22.32
CA VAL A 361 -4.93 -18.84 21.30
C VAL A 361 -5.46 -19.79 20.25
N GLN A 362 -4.82 -19.78 19.08
CA GLN A 362 -5.30 -20.53 17.93
C GLN A 362 -4.22 -21.42 17.36
N ARG A 363 -4.53 -22.69 17.16
CA ARG A 363 -3.58 -23.62 16.57
C ARG A 363 -4.04 -24.14 15.22
N PHE A 364 -3.08 -24.57 14.41
CA PHE A 364 -3.40 -25.24 13.17
C PHE A 364 -2.70 -26.59 13.14
N TYR A 365 -3.45 -27.61 12.74
CA TYR A 365 -2.94 -28.97 12.61
C TYR A 365 -3.12 -29.43 11.17
N PRO A 366 -2.10 -30.12 10.63
CA PRO A 366 -2.11 -30.60 9.23
C PRO A 366 -3.27 -31.54 8.91
N HIS A 367 -3.66 -32.40 9.84
CA HIS A 367 -4.71 -33.37 9.57
C HIS A 367 -6.09 -32.73 9.67
N LYS A 368 -6.23 -31.74 10.54
CA LYS A 368 -7.50 -31.07 10.70
C LYS A 368 -7.71 -29.95 9.70
N HIS A 369 -6.69 -29.13 9.52
CA HIS A 369 -6.85 -27.91 8.72
C HIS A 369 -6.08 -27.89 7.39
N LEU A 370 -5.40 -28.98 7.05
CA LEU A 370 -4.71 -29.09 5.76
C LEU A 370 -3.60 -28.06 5.59
N THR A 371 -3.09 -27.57 6.72
CA THR A 371 -2.02 -26.57 6.73
C THR A 371 -0.76 -27.13 7.37
N GLN A 372 0.20 -26.27 7.63
CA GLN A 372 1.34 -26.61 8.47
C GLN A 372 0.95 -26.50 9.92
N GLY A 373 1.70 -27.13 10.81
CA GLY A 373 1.53 -26.94 12.23
C GLY A 373 1.84 -25.49 12.52
N PHE A 374 0.92 -24.81 13.21
CA PHE A 374 1.07 -23.38 13.43
C PHE A 374 0.45 -22.97 14.76
N PHE A 375 0.91 -21.83 15.28
CA PHE A 375 0.41 -21.30 16.55
C PHE A 375 0.22 -19.80 16.45
N ILE A 376 -0.92 -19.28 16.90
CA ILE A 376 -1.14 -17.83 16.90
C ILE A 376 -1.66 -17.33 18.25
N ALA A 377 -0.93 -16.39 18.83
CA ALA A 377 -1.34 -15.79 20.09
C ALA A 377 -1.42 -14.28 19.94
N LYS A 378 -2.56 -13.71 20.33
CA LYS A 378 -2.76 -12.26 20.32
C LYS A 378 -2.92 -11.72 21.74
N LEU A 379 -1.99 -10.85 22.13
CA LEU A 379 -1.98 -10.32 23.48
C LEU A 379 -2.12 -8.79 23.56
N ARG A 380 -2.75 -8.35 24.65
CA ARG A 380 -2.93 -6.93 24.93
C ARG A 380 -2.15 -6.57 26.20
N LYS A 381 -1.29 -5.55 26.11
CA LYS A 381 -0.49 -5.13 27.26
C LYS A 381 -1.29 -4.24 28.20
N VAL A 382 -1.67 -4.80 29.35
CA VAL A 382 -2.49 -4.07 30.31
C VAL A 382 -1.66 -3.15 31.24
N LYS A 383 -0.41 -3.51 31.51
CA LYS A 383 0.48 -2.73 32.37
C LYS A 383 1.94 -3.17 32.21
N ASP A 384 2.86 -2.40 32.77
CA ASP A 384 4.27 -2.79 32.77
C ASP A 384 4.52 -3.87 33.82
N TYR B 1 13.65 32.36 -3.73
CA TYR B 1 12.59 31.39 -3.98
C TYR B 1 12.98 30.45 -5.11
N LEU B 2 13.87 30.91 -5.98
CA LEU B 2 14.31 30.14 -7.16
C LEU B 2 14.85 28.75 -6.83
N GLU B 3 15.31 28.59 -5.60
CA GLU B 3 15.94 27.36 -5.15
C GLU B 3 14.93 26.24 -5.00
N ALA B 4 13.66 26.61 -4.94
CA ALA B 4 12.59 25.65 -4.77
C ALA B 4 12.40 24.83 -6.04
N PHE B 5 12.95 25.34 -7.13
CA PHE B 5 12.74 24.74 -8.44
C PHE B 5 14.07 24.28 -9.02
N PRO B 6 14.13 22.99 -9.40
CA PRO B 6 15.34 22.41 -10.00
C PRO B 6 15.82 23.24 -11.18
N LYS B 7 17.13 23.21 -11.44
CA LYS B 7 17.74 24.09 -12.43
C LYS B 7 17.17 23.89 -13.83
N GLU B 8 16.96 22.65 -14.23
CA GLU B 8 16.46 22.37 -15.57
C GLU B 8 15.03 22.89 -15.73
N LEU B 9 14.23 22.77 -14.67
CA LEU B 9 12.84 23.23 -14.72
C LEU B 9 12.75 24.75 -14.81
N ARG B 10 13.60 25.45 -14.08
CA ARG B 10 13.67 26.91 -14.19
C ARG B 10 14.02 27.32 -15.61
N GLU B 11 14.89 26.54 -16.24
CA GLU B 11 15.26 26.78 -17.63
C GLU B 11 14.06 26.52 -18.54
N TYR B 12 13.31 25.47 -18.21
CA TYR B 12 12.10 25.11 -18.96
C TYR B 12 11.07 26.22 -18.89
N TYR B 13 10.83 26.72 -17.69
CA TYR B 13 9.84 27.78 -17.49
C TYR B 13 10.26 29.05 -18.21
N LYS B 14 11.54 29.40 -18.12
CA LYS B 14 12.06 30.57 -18.83
C LYS B 14 11.86 30.42 -20.34
N ASN B 15 12.21 29.26 -20.88
CA ASN B 15 12.03 28.99 -22.30
C ASN B 15 10.56 29.10 -22.69
N LEU B 16 9.68 28.60 -21.83
CA LEU B 16 8.26 28.47 -22.15
C LEU B 16 7.46 29.75 -21.94
N PHE B 17 7.76 30.48 -20.88
CA PHE B 17 6.95 31.65 -20.52
C PHE B 17 7.69 32.97 -20.69
N GLY B 18 9.00 32.88 -20.89
CA GLY B 18 9.84 34.08 -20.92
C GLY B 18 10.37 34.33 -19.52
N LYS B 19 11.60 34.83 -19.45
CA LYS B 19 12.30 35.00 -18.17
C LYS B 19 11.47 35.81 -17.18
N GLU B 20 10.82 36.86 -17.68
CA GLU B 20 9.95 37.69 -16.87
C GLU B 20 8.84 36.92 -16.17
N GLU B 21 8.00 36.27 -16.97
CA GLU B 21 6.84 35.57 -16.46
C GLU B 21 7.25 34.40 -15.58
N ALA B 22 8.27 33.69 -16.02
CA ALA B 22 8.75 32.52 -15.30
C ALA B 22 9.16 32.86 -13.87
N ASN B 23 9.78 34.01 -13.68
CA ASN B 23 10.19 34.41 -12.34
C ASN B 23 8.99 34.78 -11.50
N LYS B 24 8.01 35.43 -12.13
CA LYS B 24 6.79 35.81 -11.44
C LYS B 24 5.98 34.58 -11.04
N ILE B 25 5.94 33.58 -11.92
CA ILE B 25 5.18 32.38 -11.65
C ILE B 25 5.80 31.61 -10.49
N MET B 26 7.11 31.37 -10.59
CA MET B 26 7.84 30.65 -9.56
C MET B 26 7.73 31.34 -8.22
N LYS B 27 7.91 32.66 -8.21
CA LYS B 27 7.79 33.44 -6.99
C LYS B 27 6.43 33.27 -6.34
N LYS B 28 5.37 33.26 -7.15
CA LYS B 28 4.02 33.14 -6.63
C LYS B 28 3.66 31.71 -6.26
N LEU B 29 4.21 30.73 -6.99
CA LEU B 29 3.95 29.32 -6.70
C LEU B 29 4.40 28.92 -5.30
N ARG B 30 5.40 29.62 -4.78
CA ARG B 30 5.93 29.31 -3.46
C ARG B 30 4.94 29.73 -2.37
N GLU B 31 4.10 30.71 -2.67
CA GLU B 31 3.09 31.20 -1.74
C GLU B 31 1.75 30.51 -1.99
N PRO B 32 0.93 30.37 -0.92
CA PRO B 32 -0.42 29.82 -1.04
C PRO B 32 -1.32 30.74 -1.87
N VAL B 33 -2.48 30.28 -2.29
CA VAL B 33 -3.36 31.10 -3.11
C VAL B 33 -3.82 32.34 -2.33
N GLU B 34 -3.89 33.46 -3.02
CA GLU B 34 -4.27 34.74 -2.41
C GLU B 34 -5.78 34.78 -2.11
N HIS B 35 -6.55 34.13 -2.97
CA HIS B 35 -8.00 34.01 -2.78
C HIS B 35 -8.39 32.54 -2.61
N TYR B 36 -8.64 32.14 -1.37
CA TYR B 36 -9.00 30.76 -1.05
C TYR B 36 -10.49 30.47 -1.28
N TYR B 37 -10.80 29.67 -2.30
CA TYR B 37 -12.18 29.46 -2.75
C TYR B 37 -12.87 28.21 -2.20
N ILE B 38 -14.17 28.35 -1.96
CA ILE B 38 -15.05 27.25 -1.59
C ILE B 38 -16.25 27.24 -2.52
N ARG B 39 -16.86 26.07 -2.69
CA ARG B 39 -18.10 26.01 -3.44
C ARG B 39 -19.27 25.89 -2.49
N VAL B 40 -20.28 26.74 -2.71
CA VAL B 40 -21.50 26.64 -1.94
C VAL B 40 -22.29 25.43 -2.41
N ASN B 41 -22.50 24.47 -1.52
CA ASN B 41 -23.32 23.32 -1.85
C ASN B 41 -24.78 23.72 -1.93
N THR B 42 -25.23 24.09 -3.13
CA THR B 42 -26.59 24.57 -3.31
C THR B 42 -27.63 23.46 -3.19
N LEU B 43 -27.17 22.24 -2.96
CA LEU B 43 -28.08 21.12 -2.71
C LEU B 43 -28.65 21.22 -1.31
N LYS B 44 -27.95 21.93 -0.43
CA LYS B 44 -28.37 22.05 0.96
C LYS B 44 -28.62 23.51 1.37
N ILE B 45 -27.88 24.43 0.76
CA ILE B 45 -27.95 25.82 1.20
C ILE B 45 -27.75 26.81 0.06
N SER B 46 -28.30 28.00 0.20
CA SER B 46 -28.04 29.06 -0.76
C SER B 46 -26.72 29.75 -0.41
N ARG B 47 -26.21 30.56 -1.32
CA ARG B 47 -24.95 31.26 -1.10
C ARG B 47 -25.07 32.25 0.05
N GLU B 48 -26.14 33.04 0.05
CA GLU B 48 -26.29 34.11 1.04
C GLU B 48 -26.53 33.55 2.44
N LYS B 49 -27.30 32.46 2.55
CA LYS B 49 -27.47 31.79 3.84
C LYS B 49 -26.11 31.34 4.39
N LEU B 50 -25.31 30.69 3.54
CA LEU B 50 -24.01 30.18 3.96
C LEU B 50 -23.11 31.32 4.42
N ILE B 51 -23.17 32.45 3.74
CA ILE B 51 -22.42 33.64 4.16
C ILE B 51 -22.78 34.02 5.59
N GLY B 52 -24.07 33.96 5.91
CA GLY B 52 -24.53 34.23 7.26
C GLY B 52 -23.92 33.27 8.26
N GLU B 53 -23.89 31.99 7.90
CA GLU B 53 -23.34 30.96 8.78
C GLU B 53 -21.85 31.15 9.00
N LEU B 54 -21.13 31.53 7.96
CA LEU B 54 -19.68 31.72 8.04
C LEU B 54 -19.32 32.99 8.79
N LYS B 55 -20.18 34.00 8.69
CA LYS B 55 -19.97 35.27 9.37
C LYS B 55 -20.17 35.12 10.87
N LYS B 56 -21.05 34.20 11.26
CA LYS B 56 -21.28 33.89 12.67
C LYS B 56 -19.99 33.41 13.30
N GLU B 57 -19.20 32.67 12.53
CA GLU B 57 -17.95 32.09 12.98
C GLU B 57 -16.77 33.03 12.82
N GLY B 58 -17.03 34.31 12.60
CA GLY B 58 -15.97 35.30 12.49
C GLY B 58 -15.20 35.27 11.19
N LEU B 59 -15.74 34.58 10.19
CA LEU B 59 -15.10 34.49 8.88
C LEU B 59 -15.59 35.58 7.95
N LYS B 60 -14.74 35.99 7.00
CA LYS B 60 -15.09 37.07 6.09
C LYS B 60 -15.16 36.62 4.63
N PRO B 61 -16.19 35.84 4.28
CA PRO B 61 -16.30 35.35 2.90
C PRO B 61 -16.68 36.45 1.93
N LEU B 62 -16.23 36.33 0.70
CA LEU B 62 -16.54 37.30 -0.33
C LEU B 62 -17.17 36.58 -1.53
N ARG B 63 -18.07 37.26 -2.23
CA ARG B 63 -18.78 36.66 -3.35
C ARG B 63 -17.97 36.72 -4.65
N SER B 64 -18.25 35.80 -5.56
CA SER B 64 -17.67 35.82 -6.89
C SER B 64 -18.70 36.34 -7.90
N PRO B 65 -18.33 37.36 -8.67
CA PRO B 65 -19.25 37.90 -9.69
C PRO B 65 -19.45 36.94 -10.86
N TYR B 66 -18.50 36.02 -11.05
CA TYR B 66 -18.56 35.09 -12.17
C TYR B 66 -19.26 33.79 -11.83
N LEU B 67 -19.02 33.29 -10.63
CA LEU B 67 -19.60 32.03 -10.16
C LEU B 67 -20.56 32.25 -8.99
N PRO B 68 -21.87 32.12 -9.23
CA PRO B 68 -22.85 32.32 -8.17
C PRO B 68 -22.77 31.26 -7.06
N GLU B 69 -22.05 30.18 -7.29
CA GLU B 69 -21.85 29.18 -6.24
C GLU B 69 -20.50 29.34 -5.57
N GLY B 70 -19.78 30.40 -5.93
CA GLY B 70 -18.43 30.62 -5.41
C GLY B 70 -18.31 31.64 -4.29
N LEU B 71 -17.56 31.26 -3.25
CA LEU B 71 -17.18 32.17 -2.18
C LEU B 71 -15.69 32.09 -1.97
N TYR B 72 -15.07 33.17 -1.50
CA TYR B 72 -13.63 33.09 -1.24
C TYR B 72 -13.20 33.92 -0.05
N PHE B 73 -12.08 33.52 0.53
CA PHE B 73 -11.46 34.21 1.65
C PHE B 73 -10.13 34.80 1.20
N VAL B 74 -9.80 35.97 1.71
CA VAL B 74 -8.53 36.60 1.38
C VAL B 74 -7.41 36.09 2.29
N ARG B 75 -6.31 35.67 1.67
CA ARG B 75 -5.12 35.14 2.34
C ARG B 75 -4.48 36.20 3.23
N GLU B 76 -3.98 35.80 4.40
CA GLU B 76 -3.19 36.72 5.22
C GLU B 76 -1.71 36.33 5.16
N GLY B 77 -0.84 37.32 4.96
CA GLY B 77 0.59 37.08 4.91
C GLY B 77 1.26 37.72 3.70
N PRO B 78 2.59 37.63 3.62
CA PRO B 78 3.49 36.95 4.55
C PRO B 78 3.71 37.73 5.84
N ASN B 79 3.73 37.01 6.97
CA ASN B 79 3.80 37.63 8.28
C ASN B 79 5.21 37.94 8.74
N PHE B 80 6.21 37.47 7.99
CA PHE B 80 7.59 37.87 8.22
C PHE B 80 8.42 37.76 6.96
N SER B 81 9.56 38.44 6.97
CA SER B 81 10.45 38.50 5.82
C SER B 81 10.96 37.13 5.40
N ASP B 82 11.45 37.05 4.18
CA ASP B 82 11.95 35.79 3.63
C ASP B 82 13.31 35.44 4.23
N ASP B 83 13.97 36.44 4.81
CA ASP B 83 15.31 36.25 5.35
C ASP B 83 15.33 36.32 6.87
N PHE B 84 14.13 36.39 7.45
CA PHE B 84 13.98 36.57 8.90
C PHE B 84 14.66 35.48 9.70
N GLU B 85 15.55 35.87 10.61
CA GLU B 85 16.22 34.91 11.47
C GLU B 85 15.92 35.15 12.94
N PRO B 86 14.83 34.52 13.42
CA PRO B 86 14.43 34.66 14.82
C PRO B 86 15.46 34.05 15.77
N LYS B 87 15.73 34.75 16.86
CA LYS B 87 16.59 34.24 17.93
C LYS B 87 15.79 33.28 18.82
N LEU B 88 15.43 32.12 18.26
CA LEU B 88 14.55 31.19 18.94
C LEU B 88 15.03 29.74 18.76
N PRO B 89 14.67 28.86 19.70
CA PRO B 89 15.02 27.44 19.50
C PRO B 89 14.19 26.84 18.37
N VAL B 90 14.76 25.89 17.63
CA VAL B 90 14.13 25.41 16.40
C VAL B 90 13.32 24.12 16.59
N VAL B 91 12.15 24.07 15.98
CA VAL B 91 11.42 22.82 15.85
C VAL B 91 11.36 22.43 14.39
N VAL B 92 11.88 21.25 14.06
CA VAL B 92 11.81 20.78 12.68
C VAL B 92 10.54 19.97 12.49
N ALA B 93 9.62 20.51 11.71
CA ALA B 93 8.42 19.80 11.32
C ALA B 93 8.72 18.96 10.09
N ASN B 94 7.98 17.87 9.88
CA ASN B 94 8.19 17.08 8.68
C ASN B 94 7.55 17.76 7.48
N LYS B 95 7.72 17.16 6.30
CA LYS B 95 7.29 17.75 5.03
C LYS B 95 5.83 18.20 5.00
N TYR B 96 4.95 17.34 5.49
CA TYR B 96 3.52 17.60 5.39
C TYR B 96 3.07 18.63 6.43
N ALA B 97 3.53 18.47 7.66
CA ALA B 97 3.18 19.37 8.76
C ALA B 97 3.65 20.79 8.48
N ALA B 98 4.88 20.91 8.01
CA ALA B 98 5.46 22.21 7.66
C ALA B 98 4.55 22.97 6.69
N GLU B 99 4.04 22.27 5.69
CA GLU B 99 3.25 22.91 4.64
C GLU B 99 1.93 23.43 5.20
N SER B 100 1.38 22.72 6.17
CA SER B 100 0.11 23.13 6.76
C SER B 100 0.33 24.27 7.75
N VAL B 101 1.43 24.20 8.49
CA VAL B 101 1.85 25.29 9.38
C VAL B 101 2.08 26.56 8.57
N TYR B 102 2.74 26.40 7.44
CA TYR B 102 2.96 27.47 6.46
C TYR B 102 1.68 28.27 6.15
N GLN B 103 0.53 27.64 6.36
CA GLN B 103 -0.74 28.25 5.99
C GLN B 103 -1.68 28.49 7.17
N GLY B 104 -1.19 28.28 8.40
CA GLY B 104 -1.96 28.62 9.59
C GLY B 104 -2.36 27.50 10.53
N ALA B 105 -1.97 26.28 10.20
CA ALA B 105 -2.31 25.14 11.06
C ALA B 105 -1.40 25.13 12.28
N MET B 106 -1.91 24.59 13.37
CA MET B 106 -1.10 24.34 14.55
C MET B 106 -0.13 23.20 14.25
N LEU B 107 0.92 23.05 15.06
CA LEU B 107 1.82 21.93 14.90
C LEU B 107 1.54 20.88 15.97
N TYR B 108 1.17 19.69 15.52
CA TYR B 108 0.82 18.60 16.43
C TYR B 108 1.99 17.61 16.54
N ALA B 109 2.01 16.83 17.62
CA ALA B 109 3.14 15.95 17.93
C ALA B 109 3.60 15.05 16.77
N PRO B 110 2.66 14.42 16.03
CA PRO B 110 3.15 13.60 14.91
C PRO B 110 3.79 14.40 13.76
N GLY B 111 3.64 15.71 13.78
CA GLY B 111 4.25 16.55 12.76
C GLY B 111 5.68 16.96 13.10
N VAL B 112 6.12 16.60 14.31
CA VAL B 112 7.44 16.94 14.79
C VAL B 112 8.48 15.89 14.42
N LEU B 113 9.48 16.32 13.65
CA LEU B 113 10.57 15.45 13.21
C LEU B 113 11.69 15.43 14.24
N LYS B 114 12.11 16.61 14.67
CA LYS B 114 13.10 16.76 15.72
C LYS B 114 13.06 18.19 16.24
N ALA B 115 13.77 18.47 17.32
CA ALA B 115 13.68 19.78 17.94
C ALA B 115 14.88 20.08 18.82
N ASP B 116 15.04 21.37 19.14
CA ASP B 116 16.03 21.81 20.11
C ASP B 116 15.67 21.25 21.48
N LYS B 117 16.66 20.77 22.21
CA LYS B 117 16.43 20.05 23.46
C LYS B 117 16.16 20.98 24.65
N ASN B 118 16.43 22.27 24.48
CA ASN B 118 16.17 23.24 25.54
C ASN B 118 14.70 23.66 25.64
N ILE B 119 13.88 23.19 24.70
CA ILE B 119 12.50 23.68 24.60
C ILE B 119 11.59 23.14 25.70
N LYS B 120 11.06 24.05 26.50
CA LYS B 120 10.08 23.72 27.53
C LYS B 120 8.75 24.40 27.18
N GLU B 121 7.66 23.90 27.75
CA GLU B 121 6.33 24.46 27.50
C GLU B 121 6.31 25.94 27.82
N GLY B 122 5.72 26.73 26.92
CA GLY B 122 5.64 28.17 27.11
C GLY B 122 6.77 28.91 26.45
N ASP B 123 7.74 28.17 25.91
CA ASP B 123 8.84 28.78 25.17
C ASP B 123 8.40 29.17 23.76
N GLU B 124 8.86 30.34 23.33
CA GLU B 124 8.62 30.80 21.98
C GLU B 124 9.58 30.07 21.05
N VAL B 125 9.05 29.39 20.05
CA VAL B 125 9.88 28.58 19.16
C VAL B 125 9.67 28.94 17.70
N GLN B 126 10.63 28.58 16.87
CA GLN B 126 10.49 28.75 15.43
C GLN B 126 10.36 27.38 14.78
N ILE B 127 9.48 27.29 13.78
CA ILE B 127 9.24 26.03 13.09
C ILE B 127 9.82 26.04 11.69
N ARG B 128 10.66 25.06 11.38
CA ARG B 128 11.25 24.94 10.05
C ARG B 128 11.01 23.58 9.44
N ASP B 129 10.94 23.51 8.12
CA ASP B 129 10.76 22.24 7.43
C ASP B 129 12.09 21.49 7.41
N PRO B 130 12.14 20.27 6.84
CA PRO B 130 13.44 19.60 6.89
C PRO B 130 14.57 20.28 6.12
N LYS B 131 14.26 21.28 5.31
CA LYS B 131 15.28 21.95 4.50
C LYS B 131 15.57 23.39 4.96
N GLY B 132 15.08 23.75 6.13
CA GLY B 132 15.45 25.01 6.75
C GLY B 132 14.56 26.17 6.34
N LEU B 133 13.45 25.86 5.71
CA LEU B 133 12.46 26.88 5.36
C LEU B 133 11.70 27.31 6.62
N LEU B 134 11.73 28.61 6.92
CA LEU B 134 10.98 29.16 8.05
C LEU B 134 9.51 29.23 7.68
N VAL B 135 8.69 28.44 8.38
CA VAL B 135 7.28 28.31 8.02
C VAL B 135 6.36 28.89 9.09
N GLY B 136 6.91 29.15 10.27
CA GLY B 136 6.10 29.69 11.35
C GLY B 136 6.76 29.81 12.68
N ILE B 137 6.24 30.72 13.49
CA ILE B 137 6.73 30.95 14.84
C ILE B 137 5.58 30.72 15.81
N GLY B 138 5.87 30.19 16.99
CA GLY B 138 4.82 29.89 17.94
C GLY B 138 5.29 29.72 19.36
N ILE B 139 4.42 29.13 20.17
CA ILE B 139 4.69 28.86 21.57
C ILE B 139 4.52 27.36 21.83
N ALA B 140 5.54 26.75 22.42
CA ALA B 140 5.52 25.31 22.68
C ALA B 140 4.50 24.96 23.76
N ARG B 141 3.65 23.97 23.48
CA ARG B 141 2.71 23.48 24.48
C ARG B 141 3.19 22.16 25.06
N MET B 142 4.36 21.73 24.62
CA MET B 142 5.00 20.53 25.14
C MET B 142 6.49 20.77 25.40
N ASP B 143 7.04 20.11 26.42
CA ASP B 143 8.49 20.09 26.62
C ASP B 143 9.12 19.31 25.47
N TYR B 144 10.44 19.46 25.30
CA TYR B 144 11.15 18.74 24.25
C TYR B 144 10.88 17.23 24.27
N LYS B 145 10.92 16.64 25.45
CA LYS B 145 10.81 15.19 25.57
C LYS B 145 9.43 14.68 25.11
N GLU B 146 8.37 15.28 25.64
CA GLU B 146 7.02 14.89 25.27
C GLU B 146 6.74 15.16 23.80
N MET B 147 7.31 16.25 23.29
CA MET B 147 7.09 16.67 21.90
C MET B 147 7.64 15.65 20.90
N THR B 148 8.77 15.02 21.23
CA THR B 148 9.40 14.07 20.32
C THR B 148 8.91 12.65 20.56
N GLU B 149 8.08 12.48 21.58
CA GLU B 149 7.65 11.13 21.97
C GLU B 149 6.15 10.89 21.77
N ALA B 150 5.34 11.91 22.02
CA ALA B 150 3.89 11.79 21.92
C ALA B 150 3.43 11.30 20.55
N THR B 151 2.20 10.80 20.51
CA THR B 151 1.57 10.33 19.28
C THR B 151 0.37 11.19 18.90
N ARG B 152 0.02 12.11 19.80
CA ARG B 152 -1.09 13.01 19.58
C ARG B 152 -0.95 14.25 20.47
N GLY B 153 -1.73 15.28 20.19
CA GLY B 153 -1.72 16.48 21.00
C GLY B 153 -1.10 17.68 20.32
N LEU B 154 -1.32 18.86 20.90
CA LEU B 154 -0.77 20.09 20.36
C LEU B 154 0.68 20.25 20.80
N ALA B 155 1.59 20.35 19.82
CA ALA B 155 3.01 20.45 20.11
C ALA B 155 3.44 21.90 20.17
N VAL B 156 3.04 22.67 19.17
CA VAL B 156 3.31 24.10 19.17
C VAL B 156 2.07 24.86 18.74
N GLU B 157 1.65 25.82 19.57
CA GLU B 157 0.62 26.75 19.16
C GLU B 157 1.21 27.76 18.20
N VAL B 158 0.86 27.64 16.92
CA VAL B 158 1.40 28.57 15.94
C VAL B 158 0.64 29.88 16.04
N THR B 159 1.34 30.93 16.45
CA THR B 159 0.73 32.24 16.61
C THR B 159 1.20 33.17 15.51
N LEU B 160 2.24 32.76 14.79
CA LEU B 160 2.73 33.54 13.67
C LEU B 160 3.13 32.65 12.50
N PRO B 161 2.13 32.10 11.80
CA PRO B 161 2.43 31.34 10.58
C PRO B 161 2.93 32.29 9.51
N LYS B 162 3.69 31.78 8.54
CA LYS B 162 4.15 32.62 7.44
C LYS B 162 2.93 33.19 6.72
N PHE B 163 1.94 32.33 6.47
CA PHE B 163 0.69 32.74 5.83
C PHE B 163 -0.52 32.23 6.62
N LYS B 164 -1.67 32.86 6.40
CA LYS B 164 -2.88 32.45 7.11
C LYS B 164 -4.08 32.28 6.18
N LEU B 165 -4.56 31.04 6.11
CA LEU B 165 -5.80 30.69 5.42
C LEU B 165 -6.77 30.11 6.44
N PRO B 166 -8.07 30.33 6.22
CA PRO B 166 -9.04 29.82 7.21
C PRO B 166 -9.07 28.30 7.23
N SER B 167 -9.03 27.72 8.42
CA SER B 167 -9.23 26.28 8.57
C SER B 167 -10.72 26.00 8.60
N LEU B 168 -11.21 25.33 7.56
CA LEU B 168 -12.64 25.19 7.36
C LEU B 168 -13.13 23.79 7.67
N SER B 169 -12.21 22.88 7.98
CA SER B 169 -12.57 21.49 8.21
C SER B 169 -13.29 21.30 9.54
N GLU B 170 -13.03 22.16 10.51
CA GLU B 170 -13.60 21.97 11.85
C GLU B 170 -14.93 22.71 12.07
N LEU B 171 -15.42 23.39 11.03
CA LEU B 171 -16.65 24.16 11.13
C LEU B 171 -17.91 23.31 11.07
N LYS B 172 -18.95 23.72 11.79
CA LYS B 172 -20.23 23.03 11.74
C LYS B 172 -20.82 23.10 10.34
N ALA B 173 -20.59 24.23 9.67
CA ALA B 173 -21.06 24.43 8.31
C ALA B 173 -20.54 23.35 7.38
N PHE B 174 -19.27 22.97 7.57
CA PHE B 174 -18.65 21.93 6.77
C PHE B 174 -19.29 20.58 7.06
N GLU B 175 -19.32 20.23 8.35
CA GLU B 175 -19.87 18.97 8.83
C GLU B 175 -21.31 18.77 8.37
N LYS B 176 -22.02 19.86 8.13
CA LYS B 176 -23.39 19.79 7.67
C LYS B 176 -23.47 19.83 6.14
N GLY B 177 -22.30 19.84 5.50
CA GLY B 177 -22.20 19.73 4.06
C GLY B 177 -22.72 20.95 3.33
N TYR B 178 -22.46 22.13 3.89
CA TYR B 178 -22.91 23.38 3.29
C TYR B 178 -21.97 23.82 2.18
N PHE B 179 -20.72 23.40 2.29
CA PHE B 179 -19.73 23.75 1.28
C PHE B 179 -18.65 22.68 1.12
N TYR B 180 -18.01 22.69 -0.05
CA TYR B 180 -16.82 21.88 -0.30
C TYR B 180 -15.72 22.81 -0.77
N PRO B 181 -14.57 22.79 -0.09
CA PRO B 181 -13.46 23.65 -0.53
C PRO B 181 -12.97 23.25 -1.93
N GLN B 182 -12.94 24.21 -2.84
CA GLN B 182 -12.60 23.93 -4.23
C GLN B 182 -12.10 25.18 -4.94
N GLY B 183 -11.11 25.02 -5.81
CA GLY B 183 -10.49 26.15 -6.48
C GLY B 183 -11.32 26.79 -7.58
N LEU B 184 -11.08 28.07 -7.82
CA LEU B 184 -11.77 28.80 -8.89
C LEU B 184 -11.60 28.14 -10.27
N PRO B 185 -10.35 27.80 -10.66
CA PRO B 185 -10.27 27.10 -11.96
C PRO B 185 -10.95 25.71 -11.98
N SER B 186 -11.01 25.02 -10.85
CA SER B 186 -11.73 23.74 -10.78
C SER B 186 -13.24 23.90 -10.99
N MET B 187 -13.80 24.95 -10.38
CA MET B 187 -15.22 25.23 -10.54
C MET B 187 -15.57 25.61 -11.96
N VAL B 188 -14.68 26.36 -12.60
CA VAL B 188 -14.84 26.75 -13.99
C VAL B 188 -14.89 25.50 -14.87
N THR B 189 -14.02 24.56 -14.55
CA THR B 189 -13.94 23.29 -15.25
C THR B 189 -15.28 22.55 -15.26
N ALA B 190 -15.94 22.49 -14.11
CA ALA B 190 -17.22 21.80 -13.99
C ALA B 190 -18.34 22.55 -14.70
N ARG B 191 -18.28 23.87 -14.71
CA ARG B 191 -19.28 24.69 -15.40
C ARG B 191 -19.18 24.51 -16.92
N VAL B 192 -17.95 24.64 -17.41
CA VAL B 192 -17.67 24.63 -18.83
C VAL B 192 -18.06 23.28 -19.48
N LEU B 193 -18.13 22.23 -18.67
CA LEU B 193 -18.64 20.95 -19.13
C LEU B 193 -20.13 21.03 -19.48
N GLU B 194 -20.83 21.97 -18.83
CA GLU B 194 -22.27 22.20 -19.03
C GLU B 194 -23.12 20.94 -18.95
N PRO B 195 -23.12 20.28 -17.78
CA PRO B 195 -23.83 18.99 -17.67
C PRO B 195 -25.35 19.17 -17.70
N LYS B 196 -26.03 18.31 -18.46
CA LYS B 196 -27.49 18.30 -18.48
C LYS B 196 -27.99 17.00 -17.83
N GLU B 197 -29.21 17.06 -17.29
CA GLU B 197 -29.83 15.92 -16.63
C GLU B 197 -29.90 14.67 -17.52
N ASP B 198 -30.06 14.88 -18.82
CA ASP B 198 -30.14 13.77 -19.78
C ASP B 198 -28.79 13.12 -20.04
N ASP B 199 -27.72 13.92 -20.01
CA ASP B 199 -26.37 13.50 -20.41
C ASP B 199 -25.83 12.25 -19.69
N VAL B 200 -25.24 11.33 -20.45
CA VAL B 200 -24.43 10.26 -19.87
C VAL B 200 -23.05 10.84 -19.53
N ILE B 201 -22.76 10.92 -18.24
CA ILE B 201 -21.61 11.68 -17.76
C ILE B 201 -20.61 10.80 -17.02
N ILE B 202 -19.36 10.90 -17.43
CA ILE B 202 -18.31 10.12 -16.79
C ILE B 202 -17.18 11.01 -16.29
N ASP B 203 -16.93 10.93 -14.98
CA ASP B 203 -15.78 11.59 -14.38
C ASP B 203 -14.72 10.53 -14.12
N MET B 204 -13.79 10.37 -15.04
CA MET B 204 -12.95 9.17 -15.00
C MET B 204 -11.68 9.28 -14.15
N ALA B 205 -11.51 10.39 -13.44
CA ALA B 205 -10.45 10.54 -12.44
C ALA B 205 -10.99 11.38 -11.30
N ALA B 206 -12.05 10.89 -10.67
CA ALA B 206 -12.94 11.71 -9.87
C ALA B 206 -12.46 12.03 -8.47
N ALA B 207 -11.72 11.13 -7.83
CA ALA B 207 -11.33 11.32 -6.44
C ALA B 207 -10.43 12.56 -6.30
N PRO B 208 -10.62 13.32 -5.21
CA PRO B 208 -11.53 13.04 -4.09
C PRO B 208 -12.96 13.58 -4.25
N GLY B 209 -13.33 13.99 -5.45
CA GLY B 209 -14.72 14.28 -5.75
C GLY B 209 -15.14 15.73 -5.77
N GLY B 210 -14.16 16.64 -5.83
CA GLY B 210 -14.43 18.05 -5.90
C GLY B 210 -15.34 18.41 -7.07
N LYS B 211 -14.90 18.06 -8.28
CA LYS B 211 -15.64 18.40 -9.48
C LYS B 211 -16.89 17.53 -9.65
N THR B 212 -16.82 16.28 -9.18
CA THR B 212 -17.92 15.35 -9.37
C THR B 212 -19.17 15.77 -8.60
N THR B 213 -18.99 16.15 -7.35
CA THR B 213 -20.11 16.64 -6.54
C THR B 213 -20.55 18.02 -7.01
N HIS B 214 -19.63 18.79 -7.57
CA HIS B 214 -19.99 20.05 -8.21
C HIS B 214 -20.99 19.81 -9.34
N ILE B 215 -20.67 18.86 -10.23
CA ILE B 215 -21.57 18.48 -11.32
C ILE B 215 -22.94 18.08 -10.79
N ALA B 216 -22.93 17.37 -9.66
CA ALA B 216 -24.15 16.87 -9.05
C ALA B 216 -25.11 17.99 -8.63
N GLN B 217 -24.58 19.06 -8.05
CA GLN B 217 -25.44 20.15 -7.61
C GLN B 217 -25.89 21.00 -8.80
N LEU B 218 -25.09 20.99 -9.88
CA LEU B 218 -25.47 21.64 -11.12
C LEU B 218 -26.59 20.85 -11.79
N LEU B 219 -26.60 19.55 -11.54
CA LEU B 219 -27.64 18.67 -12.06
C LEU B 219 -28.81 18.64 -11.09
N GLU B 220 -28.59 19.22 -9.91
CA GLU B 220 -29.60 19.24 -8.84
C GLU B 220 -30.01 17.83 -8.42
N ASN B 221 -29.01 16.98 -8.22
CA ASN B 221 -29.20 15.58 -7.83
C ASN B 221 -30.10 14.80 -8.79
N LYS B 222 -30.21 15.29 -10.02
CA LYS B 222 -30.95 14.59 -11.07
C LYS B 222 -29.96 13.90 -12.00
N GLY B 223 -30.46 12.95 -12.78
CA GLY B 223 -29.61 12.23 -13.71
C GLY B 223 -28.71 11.24 -12.99
N GLU B 224 -27.54 10.99 -13.57
CA GLU B 224 -26.59 10.04 -13.01
C GLU B 224 -25.16 10.39 -13.42
N ILE B 225 -24.25 10.36 -12.45
CA ILE B 225 -22.84 10.64 -12.70
C ILE B 225 -21.97 9.43 -12.39
N ILE B 226 -21.24 8.96 -13.39
CA ILE B 226 -20.33 7.85 -13.15
C ILE B 226 -18.94 8.38 -12.78
N ALA B 227 -18.49 8.03 -11.59
CA ALA B 227 -17.23 8.53 -11.07
C ALA B 227 -16.20 7.41 -10.87
N ILE B 228 -15.16 7.45 -11.69
CA ILE B 228 -14.11 6.43 -11.68
C ILE B 228 -12.91 6.89 -10.85
N ASP B 229 -12.26 5.96 -10.18
CA ASP B 229 -10.92 6.19 -9.64
C ASP B 229 -10.22 4.86 -9.38
N LYS B 230 -8.90 4.83 -9.54
CA LYS B 230 -8.18 3.59 -9.37
C LYS B 230 -8.06 3.23 -7.89
N SER B 231 -7.72 4.23 -7.08
CA SER B 231 -7.49 4.02 -5.65
C SER B 231 -8.78 3.78 -4.88
N LYS B 232 -8.81 2.70 -4.10
CA LYS B 232 -9.97 2.36 -3.29
C LYS B 232 -10.04 3.22 -2.04
N ASN B 233 -8.88 3.56 -1.50
CA ASN B 233 -8.81 4.48 -0.38
C ASN B 233 -9.35 5.86 -0.78
N ARG B 234 -8.85 6.36 -1.91
CA ARG B 234 -9.27 7.67 -2.41
C ARG B 234 -10.78 7.68 -2.69
N LEU B 235 -11.31 6.56 -3.16
CA LEU B 235 -12.75 6.40 -3.38
C LEU B 235 -13.52 6.35 -2.05
N ARG B 236 -12.90 5.78 -1.03
CA ARG B 236 -13.52 5.67 0.27
C ARG B 236 -13.76 7.06 0.85
N LYS B 237 -12.78 7.94 0.69
CA LYS B 237 -12.89 9.33 1.11
C LYS B 237 -14.01 10.03 0.34
N MET B 238 -14.17 9.63 -0.92
CA MET B 238 -15.17 10.22 -1.78
C MET B 238 -16.58 9.84 -1.34
N GLU B 239 -16.75 8.58 -0.93
CA GLU B 239 -18.02 8.10 -0.39
C GLU B 239 -18.48 8.97 0.78
N GLU B 240 -17.54 9.34 1.64
CA GLU B 240 -17.84 10.17 2.81
C GLU B 240 -18.26 11.58 2.39
N ASN B 241 -17.53 12.17 1.45
CA ASN B 241 -17.83 13.49 0.92
C ASN B 241 -19.20 13.54 0.26
N ILE B 242 -19.52 12.50 -0.51
CA ILE B 242 -20.82 12.38 -1.17
C ILE B 242 -21.94 12.38 -0.13
N LYS B 243 -21.74 11.61 0.94
CA LYS B 243 -22.73 11.48 2.00
C LYS B 243 -22.95 12.78 2.78
N ARG B 244 -21.84 13.43 3.15
CA ARG B 244 -21.88 14.68 3.88
C ARG B 244 -22.58 15.78 3.10
N LEU B 245 -22.29 15.86 1.80
CA LEU B 245 -22.84 16.89 0.92
C LEU B 245 -24.27 16.60 0.51
N GLY B 246 -24.72 15.36 0.70
CA GLY B 246 -26.08 14.98 0.37
C GLY B 246 -26.28 14.69 -1.11
N VAL B 247 -25.21 14.27 -1.78
CA VAL B 247 -25.29 13.94 -3.19
C VAL B 247 -25.87 12.54 -3.38
N LYS B 248 -26.90 12.44 -4.21
CA LYS B 248 -27.53 11.16 -4.50
C LYS B 248 -27.47 10.89 -5.99
N ASN B 249 -26.43 11.44 -6.62
CA ASN B 249 -26.37 11.54 -8.06
C ASN B 249 -25.26 10.70 -8.67
N VAL B 250 -24.47 10.06 -7.80
CA VAL B 250 -23.21 9.48 -8.24
C VAL B 250 -23.10 7.98 -8.02
N LYS B 251 -22.82 7.25 -9.10
CA LYS B 251 -22.46 5.85 -9.03
C LYS B 251 -20.93 5.74 -9.02
N LEU B 252 -20.39 5.01 -8.05
CA LEU B 252 -18.95 4.87 -7.90
C LEU B 252 -18.43 3.55 -8.50
N VAL B 253 -17.41 3.65 -9.35
CA VAL B 253 -16.72 2.45 -9.84
C VAL B 253 -15.21 2.56 -9.62
N GLN B 254 -14.62 1.44 -9.24
CA GLN B 254 -13.18 1.35 -9.10
C GLN B 254 -12.62 0.57 -10.29
N MET B 255 -11.73 1.20 -11.04
CA MET B 255 -11.10 0.57 -12.20
C MET B 255 -9.94 1.38 -12.73
N ASP B 256 -9.21 0.81 -13.68
CA ASP B 256 -8.24 1.56 -14.47
C ASP B 256 -8.97 2.24 -15.61
N ALA B 257 -9.09 3.56 -15.54
CA ALA B 257 -9.88 4.33 -16.49
C ALA B 257 -9.35 4.20 -17.91
N ARG B 258 -8.08 3.82 -18.03
CA ARG B 258 -7.47 3.58 -19.33
C ARG B 258 -8.13 2.42 -20.06
N LYS B 259 -8.82 1.57 -19.30
CA LYS B 259 -9.58 0.47 -19.88
C LYS B 259 -11.06 0.80 -19.90
N LEU B 260 -11.38 2.09 -19.96
CA LEU B 260 -12.77 2.50 -20.01
C LEU B 260 -13.56 1.89 -21.18
N PRO B 261 -12.97 1.84 -22.40
CA PRO B 261 -13.76 1.23 -23.49
C PRO B 261 -14.10 -0.25 -23.28
N ASP B 262 -13.69 -0.82 -22.15
CA ASP B 262 -14.07 -2.20 -21.84
C ASP B 262 -15.53 -2.23 -21.33
N LEU B 263 -15.97 -1.14 -20.72
CA LEU B 263 -17.40 -0.89 -20.59
C LEU B 263 -17.95 -0.59 -21.99
N GLY B 264 -19.27 -0.55 -22.12
CA GLY B 264 -19.88 -0.30 -23.40
C GLY B 264 -20.16 1.17 -23.60
N ILE B 265 -20.25 1.90 -22.48
CA ILE B 265 -20.78 3.23 -22.45
C ILE B 265 -20.15 4.18 -23.46
N LYS B 266 -21.02 4.74 -24.27
CA LYS B 266 -20.67 5.86 -25.10
C LYS B 266 -21.23 7.07 -24.39
N ALA B 267 -20.35 7.85 -23.77
CA ALA B 267 -20.78 8.97 -22.95
C ALA B 267 -21.12 10.20 -23.79
N ASP B 268 -21.90 11.10 -23.20
CA ASP B 268 -22.21 12.37 -23.84
C ASP B 268 -21.24 13.45 -23.35
N LYS B 269 -20.92 13.37 -22.06
CA LYS B 269 -19.98 14.30 -21.45
C LYS B 269 -18.93 13.52 -20.66
N ILE B 270 -17.67 13.79 -20.92
CA ILE B 270 -16.60 13.22 -20.11
C ILE B 270 -15.68 14.31 -19.55
N LEU B 271 -15.56 14.32 -18.23
CA LEU B 271 -14.56 15.12 -17.55
C LEU B 271 -13.29 14.29 -17.32
N LEU B 272 -12.17 14.78 -17.81
CA LEU B 272 -10.89 14.14 -17.54
C LEU B 272 -9.97 15.12 -16.81
N ASP B 273 -10.01 15.08 -15.49
CA ASP B 273 -9.06 15.82 -14.67
C ASP B 273 -7.81 14.96 -14.49
N ALA B 274 -6.94 14.99 -15.50
CA ALA B 274 -5.87 14.01 -15.64
C ALA B 274 -4.78 14.11 -14.58
N PRO B 275 -4.30 12.94 -14.12
CA PRO B 275 -3.13 12.91 -13.23
C PRO B 275 -1.96 13.60 -13.91
N CYS B 276 -1.24 14.44 -13.19
CA CYS B 276 -0.22 15.26 -13.81
C CYS B 276 0.93 15.55 -12.87
N THR B 277 1.96 16.20 -13.38
CA THR B 277 3.12 16.59 -12.59
C THR B 277 2.79 17.60 -11.48
N ALA B 278 1.58 18.16 -11.53
CA ALA B 278 1.07 19.05 -10.49
C ALA B 278 1.96 20.26 -10.25
N LEU B 279 2.56 20.77 -11.32
CA LEU B 279 3.54 21.86 -11.23
C LEU B 279 2.91 23.18 -10.75
N GLY B 280 1.60 23.29 -10.87
CA GLY B 280 0.91 24.52 -10.53
C GLY B 280 0.28 24.56 -9.15
N VAL B 281 0.37 23.48 -8.38
CA VAL B 281 -0.27 23.46 -7.07
C VAL B 281 0.42 24.42 -6.09
N ARG B 282 -0.36 24.98 -5.18
CA ARG B 282 0.16 25.95 -4.22
C ARG B 282 -0.27 25.57 -2.81
N PRO B 283 0.61 25.83 -1.82
CA PRO B 283 1.93 26.42 -2.03
C PRO B 283 2.94 25.39 -2.50
N LYS B 284 4.03 25.84 -3.11
CA LYS B 284 5.06 24.95 -3.60
C LYS B 284 6.36 25.19 -2.84
N LEU B 285 6.51 24.54 -1.69
CA LEU B 285 7.69 24.69 -0.86
C LEU B 285 8.94 24.21 -1.59
N TRP B 286 8.88 22.99 -2.12
CA TRP B 286 9.99 22.44 -2.89
C TRP B 286 9.47 21.62 -4.05
N GLU B 287 9.78 22.04 -5.27
CA GLU B 287 9.40 21.31 -6.47
C GLU B 287 10.30 20.10 -6.67
N GLU B 288 9.74 18.92 -6.47
CA GLU B 288 10.51 17.68 -6.61
C GLU B 288 10.49 17.18 -8.06
N ARG B 289 9.32 17.23 -8.69
CA ARG B 289 9.17 16.71 -10.04
C ARG B 289 9.91 17.57 -11.06
N THR B 290 10.27 16.97 -12.19
CA THR B 290 11.12 17.61 -13.18
C THR B 290 10.86 17.13 -14.60
N LEU B 291 11.78 17.45 -15.51
CA LEU B 291 11.57 17.25 -16.95
C LEU B 291 11.28 15.81 -17.37
N LYS B 292 12.01 14.86 -16.80
CA LYS B 292 11.74 13.45 -17.08
C LYS B 292 10.30 13.09 -16.74
N HIS B 293 9.81 13.67 -15.64
CA HIS B 293 8.45 13.41 -15.18
C HIS B 293 7.41 14.00 -16.13
N ILE B 294 7.70 15.17 -16.67
CA ILE B 294 6.79 15.82 -17.61
C ILE B 294 6.55 14.97 -18.84
N GLU B 295 7.63 14.46 -19.43
CA GLU B 295 7.52 13.60 -20.60
C GLU B 295 6.78 12.29 -20.28
N ALA B 296 7.15 11.66 -19.17
CA ALA B 296 6.58 10.37 -18.80
C ALA B 296 5.10 10.49 -18.50
N THR B 297 4.74 11.53 -17.75
CA THR B 297 3.36 11.76 -17.39
C THR B 297 2.54 12.15 -18.62
N ALA B 298 3.14 12.94 -19.50
CA ALA B 298 2.46 13.37 -20.72
C ALA B 298 2.07 12.17 -21.57
N ARG B 299 2.96 11.18 -21.62
CA ARG B 299 2.70 9.94 -22.35
C ARG B 299 1.65 9.10 -21.63
N TYR B 300 1.73 9.11 -20.31
CA TYR B 300 0.80 8.37 -19.45
C TYR B 300 -0.63 8.88 -19.60
N GLN B 301 -0.77 10.19 -19.74
CA GLN B 301 -2.08 10.82 -19.89
C GLN B 301 -2.78 10.41 -21.18
N ARG B 302 -2.01 10.13 -22.22
CA ARG B 302 -2.56 9.86 -23.54
C ARG B 302 -3.43 8.60 -23.54
N ALA B 303 -3.10 7.67 -22.65
CA ALA B 303 -3.87 6.44 -22.52
C ALA B 303 -5.26 6.77 -21.96
N PHE B 304 -5.33 7.77 -21.09
CA PHE B 304 -6.59 8.24 -20.56
C PHE B 304 -7.36 9.04 -21.60
N ILE B 305 -6.65 9.90 -22.31
CA ILE B 305 -7.24 10.69 -23.37
C ILE B 305 -7.86 9.80 -24.44
N TRP B 306 -7.09 8.81 -24.89
CA TRP B 306 -7.54 7.92 -25.95
C TRP B 306 -8.75 7.10 -25.47
N ALA B 307 -8.64 6.62 -24.23
CA ALA B 307 -9.74 5.89 -23.58
C ALA B 307 -11.03 6.71 -23.58
N ALA B 308 -10.90 8.01 -23.32
CA ALA B 308 -12.06 8.90 -23.27
C ALA B 308 -12.64 9.15 -24.66
N ILE B 309 -11.78 9.43 -25.62
CA ILE B 309 -12.22 9.71 -27.00
C ILE B 309 -13.00 8.54 -27.57
N LYS B 310 -12.51 7.33 -27.32
CA LYS B 310 -13.19 6.11 -27.75
C LYS B 310 -14.50 5.87 -27.02
N SER B 311 -14.62 6.42 -25.81
CA SER B 311 -15.84 6.22 -25.01
C SER B 311 -16.83 7.38 -25.17
N LEU B 312 -16.62 8.22 -26.18
CA LEU B 312 -17.54 9.32 -26.45
C LEU B 312 -18.40 9.04 -27.67
N ARG B 313 -19.69 9.35 -27.56
CA ARG B 313 -20.54 9.42 -28.73
C ARG B 313 -19.99 10.52 -29.64
N ARG B 314 -20.16 10.36 -30.95
CA ARG B 314 -19.87 11.46 -31.87
C ARG B 314 -20.71 12.65 -31.43
N GLY B 315 -20.14 13.84 -31.45
CA GLY B 315 -20.82 15.03 -30.96
C GLY B 315 -20.74 15.18 -29.45
N GLY B 316 -20.14 14.19 -28.79
CA GLY B 316 -19.95 14.25 -27.35
C GLY B 316 -18.90 15.27 -26.97
N VAL B 317 -18.87 15.63 -25.70
CA VAL B 317 -17.94 16.65 -25.22
C VAL B 317 -16.96 16.09 -24.19
N LEU B 318 -15.68 16.32 -24.44
CA LEU B 318 -14.64 16.03 -23.46
C LEU B 318 -14.09 17.32 -22.88
N VAL B 319 -14.08 17.43 -21.55
CA VAL B 319 -13.37 18.51 -20.89
C VAL B 319 -12.11 17.94 -20.27
N TYR B 320 -10.96 18.45 -20.69
CA TYR B 320 -9.67 17.97 -20.20
C TYR B 320 -9.02 19.03 -19.32
N SER B 321 -8.61 18.65 -18.12
CA SER B 321 -7.94 19.61 -17.25
C SER B 321 -6.79 19.01 -16.46
N THR B 322 -5.83 19.86 -16.10
CA THR B 322 -4.71 19.50 -15.25
C THR B 322 -4.43 20.64 -14.25
N CYS B 323 -3.64 20.36 -13.23
CA CYS B 323 -3.14 21.43 -12.36
C CYS B 323 -1.64 21.58 -12.55
N THR B 324 -1.21 21.54 -13.81
CA THR B 324 0.20 21.66 -14.14
C THR B 324 0.41 22.76 -15.19
N LEU B 325 1.66 23.16 -15.39
CA LEU B 325 2.01 24.29 -16.24
C LEU B 325 2.64 23.86 -17.57
N SER B 326 3.16 22.63 -17.60
CA SER B 326 3.97 22.15 -18.71
C SER B 326 3.21 22.17 -20.03
N TYR B 327 3.94 22.35 -21.12
CA TYR B 327 3.35 22.39 -22.45
C TYR B 327 2.91 21.01 -22.92
N GLU B 328 3.78 20.03 -22.68
CA GLU B 328 3.57 18.65 -23.12
C GLU B 328 2.28 18.01 -22.57
N GLU B 329 1.98 18.30 -21.31
CA GLU B 329 0.81 17.71 -20.64
C GLU B 329 -0.48 18.45 -20.99
N ASN B 330 -0.35 19.67 -21.50
CA ASN B 330 -1.52 20.50 -21.76
C ASN B 330 -1.75 20.69 -23.25
N GLU B 331 -1.24 21.79 -23.80
CA GLU B 331 -1.39 22.06 -25.22
C GLU B 331 -0.90 20.90 -26.09
N GLY B 332 0.24 20.34 -25.71
CA GLY B 332 0.84 19.24 -26.45
C GLY B 332 -0.10 18.07 -26.59
N ASN B 333 -0.77 17.72 -25.49
CA ASN B 333 -1.70 16.61 -25.51
C ASN B 333 -3.07 16.95 -26.11
N VAL B 334 -3.37 18.24 -26.29
CA VAL B 334 -4.60 18.60 -26.99
C VAL B 334 -4.42 18.48 -28.51
N LYS B 335 -3.20 18.72 -28.99
CA LYS B 335 -2.90 18.51 -30.40
C LYS B 335 -3.05 17.03 -30.72
N PHE B 336 -2.73 16.19 -29.74
CA PHE B 336 -2.94 14.77 -29.86
C PHE B 336 -4.41 14.44 -30.08
N MET B 337 -5.28 15.11 -29.34
CA MET B 337 -6.73 14.89 -29.45
C MET B 337 -7.28 15.38 -30.78
N ILE B 338 -6.74 16.51 -31.25
CA ILE B 338 -7.15 17.09 -32.51
C ILE B 338 -6.83 16.15 -33.67
N ARG B 339 -5.72 15.43 -33.55
CA ARG B 339 -5.32 14.43 -34.54
C ARG B 339 -6.15 13.16 -34.41
N LYS B 340 -6.95 13.07 -33.36
CA LYS B 340 -7.76 11.89 -33.10
C LYS B 340 -9.25 12.15 -33.23
N GLY B 341 -9.61 13.18 -34.00
CA GLY B 341 -11.00 13.45 -34.28
C GLY B 341 -11.73 14.30 -33.25
N MET B 342 -10.99 15.13 -32.52
CA MET B 342 -11.60 16.07 -31.60
C MET B 342 -11.46 17.50 -32.10
N LYS B 343 -12.52 18.30 -32.00
CA LYS B 343 -12.47 19.71 -32.39
C LYS B 343 -12.62 20.63 -31.17
N LEU B 344 -11.75 21.62 -31.05
CA LEU B 344 -11.86 22.61 -29.97
C LEU B 344 -13.13 23.44 -30.04
N GLU B 345 -13.70 23.71 -28.88
CA GLU B 345 -14.83 24.60 -28.76
C GLU B 345 -14.58 25.68 -27.72
N GLU B 346 -15.24 26.83 -27.91
CA GLU B 346 -15.16 27.89 -26.93
C GLU B 346 -15.83 27.47 -25.63
N GLN B 347 -15.24 27.91 -24.51
CA GLN B 347 -15.80 27.57 -23.21
C GLN B 347 -16.77 28.63 -22.72
N SER B 348 -17.81 28.21 -22.01
CA SER B 348 -18.86 29.12 -21.55
C SER B 348 -18.31 30.21 -20.64
N ILE B 349 -17.27 29.89 -19.89
CA ILE B 349 -16.64 30.84 -19.00
C ILE B 349 -15.15 30.98 -19.28
N PHE B 350 -14.71 32.16 -19.71
CA PHE B 350 -13.30 32.41 -19.93
C PHE B 350 -12.83 33.63 -19.12
N ILE B 351 -12.16 33.37 -18.01
CA ILE B 351 -11.68 34.45 -17.14
C ILE B 351 -10.19 34.31 -16.82
N GLY B 352 -9.56 33.28 -17.38
CA GLY B 352 -8.12 33.10 -17.23
C GLY B 352 -7.35 33.64 -18.43
N SER B 353 -6.34 32.89 -18.87
CA SER B 353 -5.49 33.32 -19.97
C SER B 353 -5.60 32.39 -21.19
N PRO B 354 -5.26 32.92 -22.38
CA PRO B 354 -5.17 32.05 -23.56
C PRO B 354 -4.08 31.02 -23.40
N GLY B 355 -4.07 30.02 -24.26
CA GLY B 355 -3.08 28.96 -24.16
C GLY B 355 -1.81 29.31 -24.92
N ILE B 356 -0.79 28.47 -24.78
CA ILE B 356 0.47 28.68 -25.47
C ILE B 356 0.33 28.41 -26.96
N GLY B 357 0.17 29.47 -27.75
CA GLY B 357 0.04 29.34 -29.19
C GLY B 357 -1.16 28.48 -29.52
N MET B 358 -2.29 28.81 -28.91
CA MET B 358 -3.49 27.99 -28.99
C MET B 358 -4.69 28.76 -28.45
N ASN B 359 -5.75 28.81 -29.24
CA ASN B 359 -6.76 29.84 -29.05
C ASN B 359 -7.89 29.57 -28.04
N LYS B 360 -8.49 28.40 -28.06
CA LYS B 360 -9.73 28.22 -27.30
C LYS B 360 -9.53 27.57 -25.92
N VAL B 361 -8.32 27.12 -25.63
CA VAL B 361 -8.02 26.54 -24.32
C VAL B 361 -7.79 27.65 -23.31
N GLN B 362 -7.92 27.32 -22.03
CA GLN B 362 -7.84 28.33 -20.98
C GLN B 362 -6.78 28.01 -19.94
N ARG B 363 -5.91 28.97 -19.66
CA ARG B 363 -4.85 28.77 -18.66
C ARG B 363 -5.01 29.67 -17.46
N PHE B 364 -4.60 29.16 -16.31
CA PHE B 364 -4.58 29.95 -15.10
C PHE B 364 -3.17 30.05 -14.57
N TYR B 365 -2.80 31.26 -14.16
CA TYR B 365 -1.48 31.55 -13.62
C TYR B 365 -1.61 32.14 -12.24
N PRO B 366 -0.70 31.79 -11.32
CA PRO B 366 -0.75 32.31 -9.96
C PRO B 366 -0.58 33.83 -9.89
N HIS B 367 0.24 34.39 -10.76
CA HIS B 367 0.55 35.82 -10.67
C HIS B 367 -0.53 36.66 -11.35
N LYS B 368 -1.22 36.06 -12.32
CA LYS B 368 -2.27 36.77 -13.04
C LYS B 368 -3.63 36.66 -12.36
N HIS B 369 -4.00 35.46 -11.95
CA HIS B 369 -5.37 35.21 -11.50
C HIS B 369 -5.49 34.78 -10.04
N LEU B 370 -4.37 34.79 -9.31
CA LEU B 370 -4.39 34.49 -7.88
C LEU B 370 -4.84 33.06 -7.59
N THR B 371 -4.64 32.17 -8.56
CA THR B 371 -5.06 30.79 -8.41
C THR B 371 -3.85 29.88 -8.49
N GLN B 372 -4.10 28.58 -8.51
CA GLN B 372 -3.03 27.63 -8.84
C GLN B 372 -2.81 27.67 -10.35
N GLY B 373 -1.70 27.11 -10.79
CA GLY B 373 -1.49 26.94 -12.22
C GLY B 373 -2.49 25.92 -12.73
N PHE B 374 -3.24 26.27 -13.77
CA PHE B 374 -4.28 25.39 -14.26
C PHE B 374 -4.40 25.42 -15.77
N PHE B 375 -4.97 24.35 -16.31
CA PHE B 375 -5.23 24.25 -17.74
C PHE B 375 -6.62 23.67 -17.96
N ILE B 376 -7.38 24.23 -18.89
CA ILE B 376 -8.69 23.70 -19.25
C ILE B 376 -8.87 23.63 -20.76
N ALA B 377 -9.28 22.48 -21.25
CA ALA B 377 -9.56 22.30 -22.67
C ALA B 377 -10.91 21.60 -22.85
N LYS B 378 -11.79 22.19 -23.65
CA LYS B 378 -13.09 21.61 -23.95
C LYS B 378 -13.14 21.18 -25.41
N LEU B 379 -13.36 19.89 -25.66
CA LEU B 379 -13.38 19.38 -27.02
C LEU B 379 -14.70 18.72 -27.40
N ARG B 380 -14.93 18.71 -28.70
CA ARG B 380 -16.12 18.14 -29.31
C ARG B 380 -15.69 17.01 -30.25
N LYS B 381 -16.22 15.81 -30.04
CA LYS B 381 -15.85 14.68 -30.89
C LYS B 381 -16.61 14.71 -32.22
N VAL B 382 -15.93 15.13 -33.28
CA VAL B 382 -16.59 15.31 -34.57
C VAL B 382 -16.65 14.02 -35.38
N LYS B 383 -15.69 13.12 -35.17
CA LYS B 383 -15.68 11.83 -35.86
C LYS B 383 -14.79 10.81 -35.14
N ASP B 384 -14.93 9.55 -35.54
CA ASP B 384 -14.21 8.47 -34.87
C ASP B 384 -12.82 8.25 -35.45
#